data_7LU6
#
_entry.id   7LU6
#
_cell.length_a   63.241
_cell.length_b   63.241
_cell.length_c   347.809
_cell.angle_alpha   90.000
_cell.angle_beta   90.000
_cell.angle_gamma   120.000
#
_symmetry.space_group_name_H-M   'P 63'
#
loop_
_entity.id
_entity.type
_entity.pdbx_description
1 polymer 'Kin of IRRE-like protein 3'
2 non-polymer 'SODIUM ION'
3 water water
#
_entity_poly.entity_id   1
_entity_poly.type   'polypeptide(L)'
_entity_poly.pdbx_seq_one_letter_code
;ADPVYSFSQQPQDQVVVSGQPVTLLCAIPEYDGFVLWIKDGLALGVGRDLSSYPQYLVVGNHLSGEHHLKILRAELQDDA
VYECQAIQAAIRSRPARLTVLVPHHHHHH
;
_entity_poly.pdbx_strand_id   A,B,C,D,E,F,G,H
#
# COMPACT_ATOMS: atom_id res chain seq x y z
N ASP A 2 -33.19 -7.50 1.64
CA ASP A 2 -32.88 -6.09 1.64
C ASP A 2 -32.22 -5.67 2.95
N PRO A 3 -31.70 -4.45 3.05
CA PRO A 3 -31.17 -4.00 4.34
C PRO A 3 -32.19 -4.24 5.43
N VAL A 4 -31.76 -4.92 6.49
CA VAL A 4 -32.65 -5.15 7.63
C VAL A 4 -33.24 -3.85 8.11
N TYR A 5 -32.49 -2.77 7.98
CA TYR A 5 -32.83 -1.47 8.52
C TYR A 5 -33.26 -0.50 7.43
N SER A 6 -34.19 0.37 7.78
CA SER A 6 -34.59 1.48 6.94
C SER A 6 -34.62 2.76 7.77
N PHE A 7 -34.47 3.89 7.09
CA PHE A 7 -34.65 5.18 7.72
C PHE A 7 -36.13 5.43 7.93
N SER A 8 -36.48 5.94 9.11
CA SER A 8 -37.84 6.43 9.34
C SER A 8 -37.96 7.91 9.01
N GLN A 9 -36.85 8.65 9.10
CA GLN A 9 -36.78 10.05 8.72
C GLN A 9 -35.45 10.29 8.03
N GLN A 10 -35.47 11.09 6.98
CA GLN A 10 -34.26 11.43 6.23
C GLN A 10 -34.18 12.93 6.06
N PRO A 11 -32.98 13.49 5.96
CA PRO A 11 -32.85 14.95 5.86
C PRO A 11 -33.38 15.46 4.53
N GLN A 12 -33.87 16.69 4.56
CA GLN A 12 -34.52 17.31 3.41
C GLN A 12 -33.75 18.58 3.04
N ASP A 13 -33.75 18.90 1.75
CA ASP A 13 -33.19 20.18 1.31
C ASP A 13 -33.93 21.34 1.98
N GLN A 14 -33.16 22.37 2.34
N GLN A 14 -33.17 22.33 2.47
CA GLN A 14 -33.66 23.53 3.06
CA GLN A 14 -33.78 23.54 3.00
C GLN A 14 -32.91 24.77 2.62
C GLN A 14 -32.94 24.76 2.65
N VAL A 15 -33.62 25.90 2.59
CA VAL A 15 -33.00 27.21 2.44
C VAL A 15 -33.11 27.92 3.78
N VAL A 16 -31.98 28.42 4.29
CA VAL A 16 -31.97 29.02 5.61
C VAL A 16 -31.20 30.32 5.58
N VAL A 17 -31.41 31.13 6.60
CA VAL A 17 -30.76 32.43 6.71
C VAL A 17 -29.53 32.29 7.59
N SER A 18 -28.47 32.99 7.22
CA SER A 18 -27.28 33.06 8.06
C SER A 18 -27.68 33.45 9.47
N GLY A 19 -27.10 32.76 10.46
CA GLY A 19 -27.34 33.05 11.84
C GLY A 19 -28.43 32.24 12.50
N GLN A 20 -29.27 31.57 11.71
CA GLN A 20 -30.42 30.76 12.07
C GLN A 20 -29.98 29.33 12.39
N PRO A 21 -30.55 28.73 13.43
CA PRO A 21 -30.32 27.31 13.65
C PRO A 21 -31.09 26.49 12.63
N VAL A 22 -30.57 25.30 12.34
CA VAL A 22 -31.13 24.37 11.36
CA VAL A 22 -31.23 24.37 11.45
C VAL A 22 -30.99 22.94 11.90
N THR A 23 -32.07 22.16 11.88
CA THR A 23 -32.02 20.76 12.28
C THR A 23 -32.35 19.89 11.10
N LEU A 24 -31.41 19.02 10.71
CA LEU A 24 -31.63 18.06 9.64
C LEU A 24 -31.97 16.72 10.27
N LEU A 25 -33.08 16.13 9.85
CA LEU A 25 -33.65 14.99 10.57
C LEU A 25 -33.09 13.68 10.07
N CYS A 26 -32.82 12.79 10.99
CA CYS A 26 -32.35 11.45 10.64
C CYS A 26 -32.76 10.51 11.77
N ALA A 27 -33.46 9.44 11.41
CA ALA A 27 -33.90 8.46 12.38
C ALA A 27 -33.87 7.08 11.77
N ILE A 28 -33.45 6.09 12.55
CA ILE A 28 -33.43 4.69 12.14
C ILE A 28 -33.98 3.86 13.29
N PRO A 29 -35.17 3.29 13.16
CA PRO A 29 -35.78 2.56 14.27
C PRO A 29 -35.01 1.28 14.58
N GLU A 30 -34.86 0.99 15.87
CA GLU A 30 -34.36 -0.27 16.38
C GLU A 30 -32.88 -0.48 16.09
N TYR A 31 -32.17 0.58 15.78
CA TYR A 31 -30.77 0.52 15.34
C TYR A 31 -29.87 1.02 16.45
N ASP A 32 -28.96 0.15 16.92
CA ASP A 32 -28.06 0.48 18.02
C ASP A 32 -26.59 0.50 17.58
N GLY A 33 -26.31 0.83 16.32
CA GLY A 33 -24.96 0.94 15.83
C GLY A 33 -24.49 2.37 15.66
N PHE A 34 -23.39 2.51 14.92
CA PHE A 34 -22.82 3.82 14.61
C PHE A 34 -23.67 4.55 13.57
N VAL A 35 -23.86 5.85 13.79
CA VAL A 35 -24.45 6.75 12.81
C VAL A 35 -23.48 7.89 12.57
N LEU A 36 -23.18 8.18 11.30
CA LEU A 36 -22.31 9.29 10.92
C LEU A 36 -23.09 10.31 10.11
N TRP A 37 -22.77 11.59 10.32
CA TRP A 37 -23.19 12.67 9.44
C TRP A 37 -22.02 13.05 8.55
N ILE A 38 -22.28 13.20 7.26
CA ILE A 38 -21.27 13.47 6.23
C ILE A 38 -21.60 14.83 5.61
N LYS A 39 -20.59 15.70 5.53
CA LYS A 39 -20.74 17.02 4.92
C LYS A 39 -19.80 17.14 3.74
N ASP A 40 -20.34 17.17 2.53
CA ASP A 40 -19.54 17.24 1.31
C ASP A 40 -18.49 16.13 1.28
N GLY A 41 -18.89 14.93 1.68
CA GLY A 41 -18.01 13.78 1.63
C GLY A 41 -17.15 13.54 2.85
N LEU A 42 -17.15 14.44 3.82
CA LEU A 42 -16.29 14.36 4.98
C LEU A 42 -17.11 14.11 6.25
N ALA A 43 -16.74 13.06 7.00
CA ALA A 43 -17.45 12.75 8.24
C ALA A 43 -17.18 13.79 9.32
N LEU A 44 -18.23 14.18 10.04
CA LEU A 44 -18.14 15.22 11.06
C LEU A 44 -17.81 14.69 12.44
N GLY A 45 -17.94 13.39 12.65
CA GLY A 45 -17.78 12.80 13.97
C GLY A 45 -18.37 11.41 13.97
N VAL A 46 -18.44 10.83 15.16
CA VAL A 46 -18.95 9.49 15.35
C VAL A 46 -20.07 9.56 16.38
N GLY A 47 -21.27 9.15 15.98
CA GLY A 47 -22.38 9.18 16.90
C GLY A 47 -22.66 10.60 17.36
N ARG A 48 -22.76 10.77 18.67
CA ARG A 48 -22.98 12.09 19.27
CA ARG A 48 -22.98 12.07 19.29
C ARG A 48 -21.70 12.88 19.49
N ASP A 49 -20.54 12.31 19.15
CA ASP A 49 -19.26 12.99 19.36
C ASP A 49 -18.90 13.74 18.09
N LEU A 50 -19.39 14.97 17.97
CA LEU A 50 -18.96 15.91 16.95
C LEU A 50 -18.15 17.02 17.60
N SER A 51 -17.26 16.64 18.52
CA SER A 51 -16.50 17.60 19.29
C SER A 51 -15.42 18.32 18.50
N SER A 52 -15.14 17.89 17.26
CA SER A 52 -14.26 18.68 16.41
C SER A 52 -14.95 19.89 15.81
N TYR A 53 -16.27 19.98 15.94
CA TYR A 53 -17.07 21.03 15.32
C TYR A 53 -17.96 21.64 16.39
N PRO A 54 -17.56 22.78 16.97
CA PRO A 54 -18.46 23.46 17.91
C PRO A 54 -19.78 23.86 17.29
N GLN A 55 -19.84 24.02 15.97
CA GLN A 55 -21.05 24.52 15.32
C GLN A 55 -22.06 23.42 15.04
N TYR A 56 -21.72 22.16 15.26
CA TYR A 56 -22.59 21.03 14.91
C TYR A 56 -22.85 20.17 16.13
N LEU A 57 -24.09 19.73 16.27
CA LEU A 57 -24.51 18.95 17.43
C LEU A 57 -25.53 17.90 16.98
N VAL A 58 -25.37 16.67 17.44
CA VAL A 58 -26.36 15.63 17.20
C VAL A 58 -27.39 15.67 18.30
N VAL A 59 -28.66 15.79 17.92
CA VAL A 59 -29.74 15.91 18.89
C VAL A 59 -30.79 14.86 18.59
N GLY A 60 -31.94 14.98 19.23
CA GLY A 60 -32.99 14.00 19.08
C GLY A 60 -32.94 12.92 20.14
N ASN A 61 -34.01 12.15 20.20
CA ASN A 61 -34.19 11.13 21.22
C ASN A 61 -33.57 9.83 20.72
N HIS A 62 -32.40 9.46 21.24
CA HIS A 62 -31.74 8.25 20.77
C HIS A 62 -32.58 7.01 21.08
N LEU A 63 -33.40 7.08 22.14
CA LEU A 63 -34.36 6.02 22.43
C LEU A 63 -35.37 5.84 21.30
N SER A 64 -35.64 6.91 20.56
CA SER A 64 -36.48 6.85 19.37
C SER A 64 -35.67 6.63 18.10
N GLY A 65 -34.38 6.31 18.22
CA GLY A 65 -33.55 6.09 17.05
C GLY A 65 -33.23 7.35 16.30
N GLU A 66 -33.32 8.51 16.95
CA GLU A 66 -33.08 9.79 16.31
C GLU A 66 -31.61 10.19 16.40
N HIS A 67 -31.09 10.74 15.30
CA HIS A 67 -29.72 11.18 15.18
C HIS A 67 -29.69 12.48 14.37
N HIS A 68 -30.54 13.43 14.76
CA HIS A 68 -30.67 14.67 14.01
C HIS A 68 -29.40 15.50 14.11
N LEU A 69 -29.07 16.20 13.03
CA LEU A 69 -27.93 17.12 13.03
C LEU A 69 -28.45 18.54 13.21
N LYS A 70 -28.06 19.18 14.30
CA LYS A 70 -28.38 20.58 14.53
C LYS A 70 -27.18 21.45 14.19
N ILE A 71 -27.35 22.34 13.23
CA ILE A 71 -26.39 23.41 12.94
C ILE A 71 -26.82 24.61 13.77
N LEU A 72 -25.99 24.97 14.76
CA LEU A 72 -26.43 25.89 15.79
C LEU A 72 -26.68 27.29 15.23
N ARG A 73 -25.75 27.79 14.41
CA ARG A 73 -25.84 29.14 13.84
C ARG A 73 -25.32 29.04 12.41
N ALA A 74 -26.24 28.94 11.46
CA ALA A 74 -25.86 28.72 10.07
C ALA A 74 -25.02 29.86 9.56
N GLU A 75 -23.87 29.53 8.97
CA GLU A 75 -23.03 30.48 8.26
C GLU A 75 -22.83 29.96 6.84
N LEU A 76 -22.28 30.83 5.98
CA LEU A 76 -22.14 30.44 4.58
C LEU A 76 -21.31 29.18 4.41
N GLN A 77 -20.33 28.96 5.29
CA GLN A 77 -19.54 27.74 5.24
C GLN A 77 -20.40 26.48 5.40
N ASP A 78 -21.60 26.62 5.96
CA ASP A 78 -22.48 25.46 6.15
C ASP A 78 -23.27 25.12 4.90
N ASP A 79 -23.31 26.00 3.91
CA ASP A 79 -23.93 25.70 2.62
C ASP A 79 -23.23 24.49 2.02
N ALA A 80 -23.88 23.33 2.07
CA ALA A 80 -23.24 22.08 1.67
C ALA A 80 -24.30 21.01 1.47
N VAL A 81 -23.84 19.82 1.10
CA VAL A 81 -24.67 18.64 0.98
C VAL A 81 -24.41 17.75 2.18
N TYR A 82 -25.47 17.35 2.86
CA TYR A 82 -25.36 16.56 4.08
C TYR A 82 -26.04 15.22 3.89
N GLU A 83 -25.46 14.17 4.46
CA GLU A 83 -26.16 12.90 4.51
C GLU A 83 -25.89 12.23 5.84
N CYS A 84 -26.83 11.35 6.23
N CYS A 84 -26.79 11.36 6.25
CA CYS A 84 -26.79 10.51 7.41
CA CYS A 84 -26.55 10.55 7.41
C CYS A 84 -26.57 9.06 6.98
C CYS A 84 -26.50 9.11 6.97
N GLN A 85 -25.60 8.35 7.60
CA GLN A 85 -25.37 6.97 7.22
C GLN A 85 -25.10 6.12 8.45
N ALA A 86 -25.40 4.83 8.33
CA ALA A 86 -25.27 3.87 9.41
C ALA A 86 -24.27 2.80 9.01
N ILE A 87 -23.22 2.65 9.81
CA ILE A 87 -22.12 1.74 9.46
C ILE A 87 -22.61 0.29 9.50
N GLN A 88 -23.02 -0.18 10.68
CA GLN A 88 -23.44 -1.57 10.84
C GLN A 88 -24.62 -1.91 9.96
N ALA A 89 -25.56 -0.97 9.78
CA ALA A 89 -26.68 -1.20 8.89
C ALA A 89 -26.29 -1.05 7.42
N ALA A 90 -25.19 -0.37 7.13
CA ALA A 90 -24.70 -0.14 5.77
C ALA A 90 -25.78 0.50 4.89
N ILE A 91 -26.39 1.57 5.39
CA ILE A 91 -27.35 2.34 4.62
C ILE A 91 -26.96 3.82 4.66
N ARG A 92 -27.29 4.54 3.59
CA ARG A 92 -27.03 5.97 3.48
C ARG A 92 -28.34 6.69 3.20
N SER A 93 -28.56 7.80 3.88
CA SER A 93 -29.76 8.58 3.61
C SER A 93 -29.64 9.29 2.26
N ARG A 94 -30.78 9.76 1.77
CA ARG A 94 -30.73 10.67 0.64
CA ARG A 94 -30.74 10.68 0.64
C ARG A 94 -29.86 11.88 1.02
N PRO A 95 -29.19 12.50 0.05
CA PRO A 95 -28.39 13.69 0.39
C PRO A 95 -29.30 14.90 0.48
N ALA A 96 -28.94 15.82 1.38
CA ALA A 96 -29.74 17.02 1.59
C ALA A 96 -28.84 18.22 1.35
N ARG A 97 -29.26 19.11 0.47
CA ARG A 97 -28.51 20.32 0.24
C ARG A 97 -29.07 21.41 1.14
N LEU A 98 -28.19 22.01 1.93
CA LEU A 98 -28.53 23.19 2.72
C LEU A 98 -28.08 24.43 1.95
N THR A 99 -29.03 25.28 1.62
CA THR A 99 -28.75 26.57 0.99
C THR A 99 -28.75 27.64 2.07
N VAL A 100 -27.65 28.38 2.20
CA VAL A 100 -27.53 29.43 3.19
C VAL A 100 -27.53 30.77 2.48
N LEU A 101 -28.52 31.60 2.81
CA LEU A 101 -28.63 32.94 2.28
C LEU A 101 -28.10 33.95 3.29
N VAL A 102 -27.40 34.96 2.81
CA VAL A 102 -26.67 35.91 3.64
C VAL A 102 -27.41 37.25 3.61
N PRO A 103 -27.87 37.76 4.76
CA PRO A 103 -28.49 39.08 4.89
C PRO A 103 -27.62 40.20 4.35
N PRO B 3 -5.04 22.90 7.38
CA PRO B 3 -4.64 21.58 7.92
C PRO B 3 -3.23 21.52 8.51
N VAL B 4 -3.19 21.45 9.84
CA VAL B 4 -1.98 21.13 10.56
C VAL B 4 -1.49 19.72 10.25
N TYR B 5 -2.35 18.88 9.69
CA TYR B 5 -2.01 17.49 9.38
C TYR B 5 -2.01 17.26 7.87
N SER B 6 -1.27 16.22 7.47
CA SER B 6 -1.23 15.79 6.07
C SER B 6 -0.93 14.30 6.00
N PHE B 7 -1.31 13.68 4.88
CA PHE B 7 -1.03 12.27 4.66
C PHE B 7 0.43 12.09 4.27
N SER B 8 1.12 11.17 4.95
CA SER B 8 2.42 10.74 4.43
C SER B 8 2.28 9.73 3.32
N GLN B 9 1.20 8.95 3.33
CA GLN B 9 0.87 8.03 2.25
C GLN B 9 -0.64 8.05 2.02
N GLN B 10 -1.02 7.89 0.77
CA GLN B 10 -2.41 7.84 0.34
C GLN B 10 -2.61 6.62 -0.54
N PRO B 11 -3.83 6.11 -0.63
CA PRO B 11 -4.08 4.91 -1.44
C PRO B 11 -3.98 5.23 -2.93
N GLN B 12 -3.53 4.23 -3.69
CA GLN B 12 -3.40 4.32 -5.13
C GLN B 12 -4.35 3.35 -5.80
N ASP B 13 -4.69 3.66 -7.05
CA ASP B 13 -5.48 2.72 -7.85
C ASP B 13 -4.74 1.39 -7.98
N GLN B 14 -5.50 0.30 -7.96
CA GLN B 14 -4.90 -1.02 -7.99
C GLN B 14 -5.78 -1.98 -8.78
N VAL B 15 -5.14 -2.85 -9.57
CA VAL B 15 -5.81 -3.91 -10.32
C VAL B 15 -5.43 -5.23 -9.66
N VAL B 16 -6.43 -6.05 -9.37
CA VAL B 16 -6.23 -7.27 -8.61
C VAL B 16 -7.17 -8.34 -9.15
N VAL B 17 -6.76 -9.58 -9.04
CA VAL B 17 -7.57 -10.72 -9.46
CA VAL B 17 -7.60 -10.69 -9.47
C VAL B 17 -8.39 -11.19 -8.27
N SER B 18 -9.62 -11.62 -8.54
CA SER B 18 -10.50 -12.16 -7.51
C SER B 18 -9.78 -13.27 -6.75
N GLY B 19 -9.83 -13.20 -5.43
CA GLY B 19 -9.23 -14.19 -4.57
C GLY B 19 -7.99 -13.74 -3.84
N GLN B 20 -7.32 -12.75 -4.36
CA GLN B 20 -6.07 -12.29 -3.80
C GLN B 20 -6.27 -11.15 -2.82
N PRO B 21 -5.44 -11.07 -1.80
CA PRO B 21 -5.49 -9.93 -0.89
C PRO B 21 -4.88 -8.71 -1.54
N VAL B 22 -5.30 -7.54 -1.07
CA VAL B 22 -4.80 -6.27 -1.56
C VAL B 22 -4.80 -5.28 -0.40
N THR B 23 -3.74 -4.50 -0.30
CA THR B 23 -3.57 -3.50 0.75
C THR B 23 -3.64 -2.11 0.14
N LEU B 24 -4.43 -1.21 0.74
CA LEU B 24 -4.52 0.18 0.33
C LEU B 24 -3.85 1.03 1.41
N LEU B 25 -2.84 1.78 1.02
CA LEU B 25 -2.00 2.48 2.00
C LEU B 25 -2.63 3.79 2.44
N CYS B 26 -2.47 4.11 3.71
CA CYS B 26 -2.93 5.38 4.27
C CYS B 26 -2.15 5.61 5.56
N ALA B 27 -1.48 6.75 5.67
CA ALA B 27 -0.71 7.05 6.87
C ALA B 27 -0.74 8.55 7.14
N ILE B 28 -0.91 8.91 8.41
CA ILE B 28 -0.90 10.30 8.83
C ILE B 28 0.00 10.42 10.05
N PRO B 29 1.23 10.92 9.89
CA PRO B 29 2.16 10.92 11.01
C PRO B 29 1.66 11.80 12.16
N GLU B 30 1.82 11.28 13.38
CA GLU B 30 1.62 12.02 14.62
C GLU B 30 0.18 12.45 14.83
N TYR B 31 -0.77 11.72 14.21
CA TYR B 31 -2.19 12.00 14.34
C TYR B 31 -2.82 10.96 15.25
N ASP B 32 -3.47 11.41 16.33
CA ASP B 32 -4.05 10.51 17.31
C ASP B 32 -5.58 10.59 17.35
N GLY B 33 -6.20 11.03 16.25
CA GLY B 33 -7.64 11.05 16.14
C GLY B 33 -8.21 9.90 15.34
N PHE B 34 -9.47 10.06 14.95
CA PHE B 34 -10.22 9.04 14.20
C PHE B 34 -9.79 9.01 12.74
N VAL B 35 -9.68 7.80 12.19
CA VAL B 35 -9.47 7.60 10.76
C VAL B 35 -10.55 6.66 10.26
N LEU B 36 -11.21 7.02 9.15
CA LEU B 36 -12.24 6.20 8.56
C LEU B 36 -11.85 5.77 7.15
N TRP B 37 -12.22 4.56 6.79
CA TRP B 37 -12.17 4.10 5.41
C TRP B 37 -13.57 4.17 4.81
N ILE B 38 -13.66 4.73 3.60
CA ILE B 38 -14.91 4.99 2.89
C ILE B 38 -14.88 4.19 1.60
N LYS B 39 -15.91 3.39 1.37
CA LYS B 39 -16.04 2.59 0.15
C LYS B 39 -17.30 3.04 -0.58
N ASP B 40 -17.12 3.63 -1.77
CA ASP B 40 -18.23 4.16 -2.57
C ASP B 40 -19.15 5.03 -1.71
N GLY B 41 -18.55 5.92 -0.92
CA GLY B 41 -19.29 6.87 -0.13
C GLY B 41 -19.77 6.38 1.21
N LEU B 42 -19.60 5.10 1.52
CA LEU B 42 -20.06 4.49 2.76
C LEU B 42 -18.87 4.15 3.66
N ALA B 43 -18.93 4.56 4.92
CA ALA B 43 -17.87 4.27 5.87
C ALA B 43 -17.94 2.82 6.33
N LEU B 44 -16.79 2.17 6.44
CA LEU B 44 -16.73 0.75 6.76
C LEU B 44 -16.62 0.47 8.25
N GLY B 45 -16.26 1.48 9.05
CA GLY B 45 -15.98 1.28 10.45
C GLY B 45 -15.27 2.51 10.98
N VAL B 46 -14.83 2.43 12.24
CA VAL B 46 -14.16 3.55 12.89
C VAL B 46 -12.81 3.05 13.41
N GLY B 47 -11.72 3.61 12.91
CA GLY B 47 -10.41 3.23 13.39
C GLY B 47 -10.11 1.79 13.01
N ARG B 48 -9.65 1.00 13.99
CA ARG B 48 -9.38 -0.39 13.70
C ARG B 48 -10.63 -1.26 13.75
N ASP B 49 -11.77 -0.72 14.18
CA ASP B 49 -13.00 -1.51 14.30
C ASP B 49 -13.70 -1.52 12.96
N LEU B 50 -13.41 -2.54 12.16
CA LEU B 50 -14.15 -2.84 10.94
C LEU B 50 -14.88 -4.17 11.09
N SER B 51 -15.45 -4.40 12.28
CA SER B 51 -16.04 -5.68 12.64
C SER B 51 -17.33 -5.98 11.89
N SER B 52 -17.95 -5.00 11.24
CA SER B 52 -19.12 -5.31 10.41
C SER B 52 -18.71 -6.02 9.13
N TYR B 53 -17.43 -5.92 8.75
CA TYR B 53 -16.91 -6.50 7.51
C TYR B 53 -15.79 -7.47 7.85
N PRO B 54 -16.07 -8.78 7.92
CA PRO B 54 -14.98 -9.75 8.13
C PRO B 54 -13.90 -9.70 7.06
N GLN B 55 -14.18 -9.16 5.88
CA GLN B 55 -13.22 -9.18 4.78
C GLN B 55 -12.24 -8.03 4.81
N TYR B 56 -12.51 -6.98 5.58
CA TYR B 56 -11.68 -5.78 5.63
C TYR B 56 -11.01 -5.68 7.00
N LEU B 57 -9.69 -5.46 6.99
CA LEU B 57 -8.91 -5.26 8.19
C LEU B 57 -8.07 -4.00 8.03
N VAL B 58 -7.98 -3.20 9.08
CA VAL B 58 -7.01 -2.12 9.08
C VAL B 58 -5.70 -2.66 9.66
N VAL B 59 -4.61 -2.44 8.94
CA VAL B 59 -3.31 -2.96 9.33
C VAL B 59 -2.31 -1.82 9.32
N GLY B 60 -1.04 -2.14 9.51
CA GLY B 60 -0.03 -1.11 9.55
C GLY B 60 0.28 -0.68 10.97
N ASN B 61 1.48 -0.13 11.13
CA ASN B 61 2.00 0.26 12.42
C ASN B 61 1.30 1.54 12.88
N HIS B 62 0.41 1.42 13.88
CA HIS B 62 -0.28 2.60 14.38
CA HIS B 62 -0.28 2.60 14.38
C HIS B 62 0.68 3.60 15.00
N LEU B 63 1.82 3.13 15.51
CA LEU B 63 2.81 4.05 16.08
C LEU B 63 3.35 5.01 15.03
N SER B 64 3.49 4.53 13.79
CA SER B 64 3.91 5.38 12.69
C SER B 64 2.72 6.03 11.97
N GLY B 65 1.55 6.04 12.59
CA GLY B 65 0.39 6.70 12.03
C GLY B 65 -0.19 6.02 10.81
N GLU B 66 -0.02 4.69 10.71
CA GLU B 66 -0.48 3.95 9.55
C GLU B 66 -1.85 3.35 9.80
N HIS B 67 -2.71 3.45 8.79
CA HIS B 67 -4.08 2.96 8.83
C HIS B 67 -4.41 2.27 7.51
N HIS B 68 -3.58 1.30 7.13
CA HIS B 68 -3.74 0.65 5.84
C HIS B 68 -4.96 -0.26 5.83
N LEU B 69 -5.70 -0.24 4.73
CA LEU B 69 -6.83 -1.13 4.57
C LEU B 69 -6.38 -2.40 3.86
N LYS B 70 -6.52 -3.53 4.52
CA LYS B 70 -6.24 -4.82 3.92
C LYS B 70 -7.55 -5.49 3.56
N ILE B 71 -7.71 -5.78 2.27
CA ILE B 71 -8.82 -6.56 1.75
C ILE B 71 -8.31 -7.99 1.68
N LEU B 72 -8.87 -8.87 2.49
CA LEU B 72 -8.22 -10.15 2.74
C LEU B 72 -8.28 -11.07 1.53
N ARG B 73 -9.41 -11.06 0.82
CA ARG B 73 -9.61 -11.90 -0.36
C ARG B 73 -10.51 -11.10 -1.29
N ALA B 74 -9.91 -10.42 -2.25
CA ALA B 74 -10.69 -9.54 -3.11
C ALA B 74 -11.73 -10.35 -3.88
N GLU B 75 -12.93 -9.80 -3.98
CA GLU B 75 -14.03 -10.37 -4.76
C GLU B 75 -14.64 -9.25 -5.59
N LEU B 76 -15.58 -9.62 -6.46
CA LEU B 76 -16.15 -8.65 -7.38
C LEU B 76 -16.82 -7.49 -6.65
N GLN B 77 -17.53 -7.78 -5.56
CA GLN B 77 -18.18 -6.70 -4.80
C GLN B 77 -17.20 -5.71 -4.22
N ASP B 78 -15.90 -6.01 -4.21
CA ASP B 78 -14.89 -5.11 -3.66
C ASP B 78 -14.35 -4.14 -4.70
N ASP B 79 -14.69 -4.33 -5.98
CA ASP B 79 -14.38 -3.35 -7.01
C ASP B 79 -15.13 -2.07 -6.72
N ALA B 80 -14.42 -1.05 -6.23
CA ALA B 80 -15.08 0.15 -5.74
C ALA B 80 -14.02 1.24 -5.62
N VAL B 81 -14.49 2.44 -5.28
CA VAL B 81 -13.63 3.58 -5.00
C VAL B 81 -13.46 3.69 -3.50
N TYR B 82 -12.21 3.80 -3.05
CA TYR B 82 -11.88 3.85 -1.64
C TYR B 82 -11.17 5.17 -1.32
N GLU B 83 -11.43 5.69 -0.13
CA GLU B 83 -10.64 6.80 0.37
C GLU B 83 -10.52 6.66 1.87
N CYS B 84 -9.48 7.32 2.38
N CYS B 84 -9.41 7.16 2.41
CA CYS B 84 -9.11 7.36 3.78
CA CYS B 84 -9.31 7.26 3.86
C CYS B 84 -9.30 8.80 4.26
C CYS B 84 -9.41 8.73 4.23
N GLN B 85 -9.92 9.00 5.42
CA GLN B 85 -10.13 10.36 5.87
C GLN B 85 -10.03 10.42 7.38
N ALA B 86 -9.67 11.59 7.88
CA ALA B 86 -9.39 11.81 9.28
C ALA B 86 -10.37 12.85 9.82
N ILE B 87 -11.06 12.51 10.90
CA ILE B 87 -12.18 13.34 11.36
C ILE B 87 -11.66 14.61 12.00
N GLN B 88 -10.90 14.48 13.10
CA GLN B 88 -10.39 15.65 13.80
C GLN B 88 -9.47 16.48 12.90
N ALA B 89 -8.73 15.85 12.01
CA ALA B 89 -7.87 16.59 11.10
C ALA B 89 -8.63 17.17 9.92
N ALA B 90 -9.81 16.65 9.63
CA ALA B 90 -10.66 17.16 8.54
C ALA B 90 -9.91 17.14 7.21
N ILE B 91 -9.35 15.98 6.87
CA ILE B 91 -8.66 15.78 5.59
C ILE B 91 -9.15 14.48 4.97
N ARG B 92 -9.25 14.47 3.64
CA ARG B 92 -9.60 13.28 2.87
C ARG B 92 -8.44 12.91 1.96
N SER B 93 -8.16 11.62 1.84
CA SER B 93 -7.13 11.20 0.91
C SER B 93 -7.64 11.30 -0.52
N ARG B 94 -6.72 11.13 -1.46
CA ARG B 94 -7.14 10.91 -2.83
C ARG B 94 -7.98 9.63 -2.88
N PRO B 95 -8.99 9.59 -3.74
CA PRO B 95 -9.72 8.34 -3.95
C PRO B 95 -8.89 7.33 -4.72
N ALA B 96 -9.06 6.06 -4.38
CA ALA B 96 -8.33 4.97 -5.01
C ALA B 96 -9.34 4.01 -5.59
N ARG B 97 -9.22 3.73 -6.88
CA ARG B 97 -10.13 2.79 -7.52
C ARG B 97 -9.48 1.40 -7.53
N LEU B 98 -10.16 0.45 -6.89
CA LEU B 98 -9.74 -0.95 -6.91
C LEU B 98 -10.48 -1.66 -8.03
N THR B 99 -9.74 -2.08 -9.06
CA THR B 99 -10.30 -2.86 -10.16
C THR B 99 -10.07 -4.33 -9.86
N VAL B 100 -11.15 -5.11 -9.77
CA VAL B 100 -11.06 -6.53 -9.47
C VAL B 100 -11.38 -7.30 -10.73
N LEU B 101 -10.46 -8.17 -11.13
CA LEU B 101 -10.64 -8.98 -12.34
C LEU B 101 -10.99 -10.41 -11.95
N VAL B 102 -11.90 -11.03 -12.69
CA VAL B 102 -12.41 -12.36 -12.37
C VAL B 102 -12.00 -13.36 -13.45
N PRO B 103 -11.68 -14.61 -13.08
CA PRO B 103 -11.32 -15.66 -14.03
C PRO B 103 -12.47 -16.03 -14.98
N ASP C 2 -69.29 10.78 16.26
CA ASP C 2 -69.73 12.14 16.52
C ASP C 2 -69.16 12.69 17.85
N PRO C 3 -68.90 13.99 17.90
CA PRO C 3 -68.30 14.59 19.09
C PRO C 3 -69.20 14.45 20.32
N VAL C 4 -68.55 14.39 21.49
CA VAL C 4 -69.27 14.32 22.75
C VAL C 4 -69.90 15.65 23.08
N TYR C 5 -69.28 16.74 22.66
CA TYR C 5 -69.71 18.08 23.01
C TYR C 5 -70.21 18.80 21.77
N SER C 6 -71.06 19.79 22.00
CA SER C 6 -71.60 20.58 20.91
C SER C 6 -71.80 22.00 21.39
N PHE C 7 -71.80 22.94 20.45
CA PHE C 7 -72.07 24.33 20.80
C PHE C 7 -73.54 24.53 21.13
N SER C 8 -73.81 25.30 22.17
CA SER C 8 -75.16 25.78 22.41
C SER C 8 -75.42 27.13 21.76
N GLN C 9 -74.38 27.95 21.65
CA GLN C 9 -74.45 29.18 20.87
C GLN C 9 -73.18 29.29 20.03
N GLN C 10 -73.31 29.85 18.85
CA GLN C 10 -72.22 30.09 17.92
C GLN C 10 -72.30 31.52 17.42
N PRO C 11 -71.17 32.09 17.00
CA PRO C 11 -71.19 33.51 16.59
C PRO C 11 -71.83 33.72 15.23
N GLN C 12 -72.39 34.91 15.05
CA GLN C 12 -73.03 35.31 13.80
C GLN C 12 -72.30 36.49 13.20
N ASP C 13 -72.47 36.68 11.89
CA ASP C 13 -71.96 37.89 11.25
C ASP C 13 -72.63 39.12 11.86
N GLN C 14 -71.85 40.16 12.08
CA GLN C 14 -72.36 41.41 12.64
C GLN C 14 -71.72 42.58 11.92
N VAL C 15 -72.45 43.69 11.89
CA VAL C 15 -71.98 44.93 11.31
C VAL C 15 -72.04 45.98 12.41
N VAL C 16 -70.89 46.55 12.76
CA VAL C 16 -70.77 47.50 13.85
CA VAL C 16 -70.80 47.52 13.84
C VAL C 16 -70.07 48.76 13.34
N VAL C 17 -70.28 49.85 14.06
CA VAL C 17 -69.64 51.13 13.76
C VAL C 17 -68.38 51.26 14.61
N SER C 18 -67.34 51.83 14.01
CA SER C 18 -66.09 52.06 14.73
C SER C 18 -66.35 52.88 15.98
N GLY C 19 -65.81 52.42 17.11
CA GLY C 19 -66.03 53.06 18.39
C GLY C 19 -67.10 52.39 19.24
N GLN C 20 -67.86 51.47 18.69
CA GLN C 20 -68.90 50.79 19.45
C GLN C 20 -68.39 49.46 19.98
N PRO C 21 -68.84 49.05 21.17
CA PRO C 21 -68.58 47.69 21.62
C PRO C 21 -69.38 46.69 20.79
N VAL C 22 -68.95 45.44 20.83
CA VAL C 22 -69.64 44.37 20.13
C VAL C 22 -69.28 43.05 20.78
N THR C 23 -70.26 42.16 20.89
CA THR C 23 -70.09 40.85 21.52
C THR C 23 -70.44 39.75 20.51
N LEU C 24 -69.51 38.81 20.34
CA LEU C 24 -69.74 37.60 19.55
C LEU C 24 -69.99 36.43 20.50
N LEU C 25 -70.99 35.63 20.19
CA LEU C 25 -71.48 34.60 21.11
C LEU C 25 -70.82 33.26 20.85
N CYS C 26 -70.58 32.52 21.93
CA CYS C 26 -70.09 31.15 21.83
C CYS C 26 -70.32 30.48 23.17
N ALA C 27 -70.84 29.26 23.15
CA ALA C 27 -71.09 28.54 24.38
C ALA C 27 -71.05 27.03 24.13
N ILE C 28 -70.38 26.31 25.02
CA ILE C 28 -70.34 24.84 24.96
C ILE C 28 -70.70 24.34 26.35
N PRO C 29 -71.84 23.71 26.52
CA PRO C 29 -72.23 23.26 27.87
C PRO C 29 -71.47 22.02 28.27
N GLU C 30 -71.27 21.91 29.59
CA GLU C 30 -70.69 20.72 30.20
C GLU C 30 -69.29 20.42 29.68
N TYR C 31 -68.59 21.45 29.23
CA TYR C 31 -67.25 21.31 28.68
C TYR C 31 -66.28 22.11 29.55
N ASP C 32 -65.26 21.44 30.07
CA ASP C 32 -64.27 22.08 30.92
C ASP C 32 -62.90 22.21 30.25
N GLY C 33 -62.80 21.93 28.96
CA GLY C 33 -61.55 21.99 28.24
C GLY C 33 -61.25 23.37 27.70
N PHE C 34 -60.22 23.43 26.87
CA PHE C 34 -59.76 24.69 26.31
C PHE C 34 -60.74 25.22 25.27
N VAL C 35 -61.01 26.51 25.32
CA VAL C 35 -61.78 27.22 24.31
C VAL C 35 -60.92 28.35 23.77
N LEU C 36 -60.87 28.48 22.45
CA LEU C 36 -60.06 29.50 21.78
C LEU C 36 -60.94 30.35 20.88
N TRP C 37 -60.64 31.64 20.84
CA TRP C 37 -61.18 32.54 19.82
C TRP C 37 -60.11 32.77 18.77
N ILE C 38 -60.49 32.65 17.50
CA ILE C 38 -59.58 32.71 16.35
C ILE C 38 -59.99 33.91 15.51
N LYS C 39 -59.04 34.79 15.23
CA LYS C 39 -59.28 35.99 14.41
C LYS C 39 -58.36 35.94 13.21
N ASP C 40 -58.95 35.78 12.02
CA ASP C 40 -58.19 35.70 10.78
C ASP C 40 -57.09 34.65 10.88
N GLY C 41 -57.39 33.54 11.54
CA GLY C 41 -56.47 32.42 11.63
C GLY C 41 -55.54 32.46 12.81
N LEU C 42 -55.47 33.56 13.55
CA LEU C 42 -54.59 33.73 14.70
C LEU C 42 -55.38 33.65 16.00
N ALA C 43 -54.92 32.79 16.91
CA ALA C 43 -55.57 32.64 18.21
C ALA C 43 -55.22 33.82 19.12
N LEU C 44 -56.25 34.33 19.82
CA LEU C 44 -56.12 35.50 20.66
C LEU C 44 -55.69 35.17 22.08
N GLY C 45 -55.93 33.94 22.53
CA GLY C 45 -55.61 33.52 23.88
C GLY C 45 -56.19 32.16 24.13
N VAL C 46 -56.19 31.77 25.40
CA VAL C 46 -56.73 30.48 25.82
C VAL C 46 -57.79 30.75 26.89
N GLY C 47 -59.01 30.29 26.64
CA GLY C 47 -60.07 30.47 27.63
C GLY C 47 -60.33 31.94 27.92
N ARG C 48 -60.37 32.29 29.21
CA ARG C 48 -60.60 33.66 29.61
C ARG C 48 -59.36 34.53 29.48
N ASP C 49 -58.20 33.93 29.21
CA ASP C 49 -56.93 34.65 29.20
C ASP C 49 -56.67 35.19 27.81
N LEU C 50 -57.13 36.40 27.56
CA LEU C 50 -56.80 37.17 26.36
C LEU C 50 -55.92 38.37 26.73
N SER C 51 -55.04 38.17 27.71
CA SER C 51 -54.32 39.28 28.33
C SER C 51 -53.39 40.02 27.38
N SER C 52 -53.06 39.45 26.21
CA SER C 52 -52.26 40.15 25.22
C SER C 52 -53.05 41.21 24.46
N TYR C 53 -54.36 41.22 24.60
CA TYR C 53 -55.25 42.14 23.89
C TYR C 53 -56.12 42.85 24.91
N PRO C 54 -55.70 44.03 25.36
CA PRO C 54 -56.54 44.80 26.29
C PRO C 54 -57.91 45.11 25.72
N GLN C 55 -58.05 45.14 24.40
CA GLN C 55 -59.31 45.51 23.77
C GLN C 55 -60.30 44.37 23.70
N TYR C 56 -59.89 43.16 24.08
CA TYR C 56 -60.72 41.97 24.03
C TYR C 56 -60.89 41.37 25.42
N LEU C 57 -62.10 40.91 25.71
CA LEU C 57 -62.39 40.17 26.92
C LEU C 57 -63.28 38.99 26.57
N VAL C 58 -63.19 37.92 27.35
CA VAL C 58 -64.11 36.80 27.25
C VAL C 58 -65.09 36.90 28.41
N VAL C 59 -66.37 36.97 28.07
CA VAL C 59 -67.42 37.23 29.04
C VAL C 59 -68.47 36.12 28.92
N GLY C 60 -69.44 36.17 29.81
CA GLY C 60 -70.53 35.20 29.81
C GLY C 60 -70.56 34.39 31.09
N ASN C 61 -71.64 33.62 31.22
CA ASN C 61 -71.87 32.77 32.38
C ASN C 61 -71.01 31.52 32.25
N HIS C 62 -69.98 31.41 33.09
CA HIS C 62 -69.09 30.26 33.08
CA HIS C 62 -69.10 30.25 33.04
C HIS C 62 -69.84 28.96 33.35
N LEU C 63 -70.97 29.05 34.07
CA LEU C 63 -71.71 27.84 34.40
C LEU C 63 -72.43 27.29 33.19
N SER C 64 -72.87 28.16 32.28
CA SER C 64 -73.49 27.77 31.03
C SER C 64 -72.46 27.45 29.94
N GLY C 65 -71.18 27.39 30.28
CA GLY C 65 -70.17 27.15 29.27
C GLY C 65 -69.99 28.29 28.30
N GLU C 66 -70.34 29.50 28.72
CA GLU C 66 -70.31 30.64 27.82
C GLU C 66 -68.90 31.19 27.72
N HIS C 67 -68.50 31.50 26.49
CA HIS C 67 -67.19 32.08 26.18
C HIS C 67 -67.36 33.17 25.13
N HIS C 68 -68.22 34.15 25.43
CA HIS C 68 -68.49 35.22 24.48
C HIS C 68 -67.30 36.17 24.37
N LEU C 69 -66.99 36.59 23.16
CA LEU C 69 -65.91 37.54 22.92
C LEU C 69 -66.46 38.95 22.89
N LYS C 70 -66.03 39.77 23.84
CA LYS C 70 -66.45 41.17 23.89
C LYS C 70 -65.31 42.05 23.39
N ILE C 71 -65.58 42.81 22.34
CA ILE C 71 -64.68 43.86 21.87
C ILE C 71 -65.17 45.16 22.49
N LEU C 72 -64.30 45.81 23.28
CA LEU C 72 -64.73 46.94 24.08
C LEU C 72 -65.06 48.14 23.21
N ARG C 73 -64.16 48.50 22.30
CA ARG C 73 -64.35 49.66 21.42
C ARG C 73 -63.82 49.23 20.06
N ALA C 74 -64.74 48.87 19.17
CA ALA C 74 -64.35 48.30 17.89
C ALA C 74 -63.61 49.34 17.05
N GLU C 75 -62.55 48.89 16.39
CA GLU C 75 -61.79 49.71 15.46
C GLU C 75 -61.69 48.94 14.15
N LEU C 76 -61.29 49.66 13.09
CA LEU C 76 -61.18 49.04 11.77
C LEU C 76 -60.29 47.80 11.81
N GLN C 77 -59.31 47.77 12.70
CA GLN C 77 -58.45 46.60 12.85
C GLN C 77 -59.23 45.37 13.27
N ASP C 78 -60.42 45.56 13.84
CA ASP C 78 -61.23 44.44 14.31
C ASP C 78 -62.11 43.83 13.23
N ASP C 79 -62.22 44.48 12.08
CA ASP C 79 -62.90 43.90 10.93
C ASP C 79 -62.18 42.63 10.48
N ALA C 80 -62.77 41.48 10.77
CA ALA C 80 -62.09 40.21 10.56
C ALA C 80 -63.12 39.10 10.62
N VAL C 81 -62.66 37.88 10.32
CA VAL C 81 -63.45 36.68 10.48
C VAL C 81 -63.05 36.02 11.79
N TYR C 82 -64.04 35.72 12.64
CA TYR C 82 -63.81 35.15 13.95
C TYR C 82 -64.42 33.76 14.03
N GLU C 83 -63.83 32.91 14.85
CA GLU C 83 -64.44 31.63 15.16
C GLU C 83 -64.06 31.25 16.57
N CYS C 84 -64.82 30.31 17.10
N CYS C 84 -64.86 30.41 17.19
CA CYS C 84 -64.66 29.77 18.44
CA CYS C 84 -64.52 29.84 18.48
C CYS C 84 -64.43 28.28 18.29
C CYS C 84 -64.41 28.34 18.32
N GLN C 85 -63.34 27.77 18.87
CA GLN C 85 -63.08 26.34 18.79
C GLN C 85 -62.67 25.80 20.15
N ALA C 86 -62.89 24.52 20.33
CA ALA C 86 -62.59 23.82 21.57
C ALA C 86 -61.60 22.71 21.28
N ILE C 87 -60.47 22.70 22.00
CA ILE C 87 -59.39 21.77 21.67
C ILE C 87 -59.79 20.33 22.01
N GLN C 88 -59.99 20.04 23.30
CA GLN C 88 -60.31 18.67 23.71
C GLN C 88 -61.56 18.15 23.02
N ALA C 89 -62.56 19.02 22.82
CA ALA C 89 -63.77 18.63 22.12
C ALA C 89 -63.54 18.46 20.63
N ALA C 90 -62.48 19.08 20.10
CA ALA C 90 -62.16 19.09 18.67
C ALA C 90 -63.35 19.55 17.82
N ILE C 91 -63.92 20.70 18.19
CA ILE C 91 -65.02 21.28 17.41
C ILE C 91 -64.73 22.76 17.15
N ARG C 92 -65.18 23.22 15.97
CA ARG C 92 -65.02 24.60 15.54
C ARG C 92 -66.38 25.19 15.23
N SER C 93 -66.61 26.41 15.67
CA SER C 93 -67.87 27.03 15.35
C SER C 93 -67.88 27.50 13.90
N ARG C 94 -69.06 27.88 13.45
N ARG C 94 -69.07 27.86 13.43
CA ARG C 94 -69.18 28.56 12.17
CA ARG C 94 -69.17 28.56 12.17
C ARG C 94 -68.40 29.88 12.22
C ARG C 94 -68.33 29.83 12.23
N PRO C 95 -67.82 30.29 11.10
CA PRO C 95 -67.11 31.57 11.09
C PRO C 95 -68.09 32.73 11.12
N ALA C 96 -67.66 33.81 11.75
CA ALA C 96 -68.47 35.02 11.84
C ALA C 96 -67.59 36.19 11.40
N ARG C 97 -68.06 36.93 10.40
CA ARG C 97 -67.33 38.08 9.91
C ARG C 97 -67.83 39.33 10.62
N LEU C 98 -66.93 40.03 11.29
CA LEU C 98 -67.25 41.32 11.87
C LEU C 98 -66.92 42.40 10.86
N THR C 99 -67.94 43.15 10.44
CA THR C 99 -67.78 44.27 9.54
C THR C 99 -67.76 45.55 10.36
N VAL C 100 -66.66 46.29 10.30
CA VAL C 100 -66.50 47.54 11.05
C VAL C 100 -66.66 48.69 10.06
N LEU C 101 -67.66 49.53 10.30
CA LEU C 101 -67.93 50.68 9.45
C LEU C 101 -67.43 51.94 10.14
N VAL C 102 -66.70 52.77 9.38
CA VAL C 102 -66.15 54.00 9.92
C VAL C 102 -67.18 55.12 9.83
N PRO C 103 -67.26 56.02 10.83
CA PRO C 103 -68.22 57.12 10.83
C PRO C 103 -67.96 58.19 9.75
N VAL D 4 -40.45 41.77 17.38
CA VAL D 4 -39.87 41.48 18.68
C VAL D 4 -39.46 40.01 18.79
N TYR D 5 -40.45 39.11 18.78
CA TYR D 5 -40.20 37.68 18.76
C TYR D 5 -40.25 37.15 17.33
N SER D 6 -39.44 36.14 17.06
CA SER D 6 -39.31 35.60 15.71
C SER D 6 -39.13 34.09 15.81
N PHE D 7 -39.59 33.38 14.79
CA PHE D 7 -39.26 31.98 14.65
C PHE D 7 -37.78 31.81 14.31
N SER D 8 -37.11 30.94 15.04
CA SER D 8 -35.79 30.50 14.61
C SER D 8 -35.87 29.31 13.67
N GLN D 9 -36.97 28.55 13.71
CA GLN D 9 -37.23 27.46 12.79
C GLN D 9 -38.73 27.37 12.57
N GLN D 10 -39.12 27.06 11.33
CA GLN D 10 -40.50 26.91 10.93
C GLN D 10 -40.67 25.62 10.14
N PRO D 11 -41.87 25.04 10.15
CA PRO D 11 -42.05 23.73 9.51
C PRO D 11 -42.07 23.88 8.00
N GLN D 12 -41.76 22.79 7.31
CA GLN D 12 -41.82 22.79 5.87
C GLN D 12 -42.52 21.54 5.36
N ASP D 13 -42.98 21.62 4.11
CA ASP D 13 -43.70 20.54 3.47
C ASP D 13 -42.87 19.26 3.47
N GLN D 14 -43.53 18.13 3.67
CA GLN D 14 -42.87 16.85 3.77
CA GLN D 14 -42.82 16.88 3.54
C GLN D 14 -43.79 15.77 3.20
N VAL D 15 -43.21 14.75 2.60
CA VAL D 15 -43.93 13.57 2.16
C VAL D 15 -43.50 12.43 3.06
N VAL D 16 -44.46 11.68 3.58
CA VAL D 16 -44.22 10.61 4.53
C VAL D 16 -45.01 9.39 4.09
N VAL D 17 -44.56 8.22 4.54
CA VAL D 17 -45.26 6.96 4.31
C VAL D 17 -46.13 6.64 5.52
N SER D 18 -47.31 6.11 5.26
CA SER D 18 -48.18 5.65 6.33
C SER D 18 -47.41 4.76 7.28
N GLY D 19 -47.50 5.05 8.57
CA GLY D 19 -46.90 4.23 9.60
C GLY D 19 -45.55 4.70 10.09
N GLN D 20 -44.94 5.72 9.46
CA GLN D 20 -43.67 6.25 9.90
C GLN D 20 -43.87 7.50 10.74
N PRO D 21 -42.95 7.77 11.67
CA PRO D 21 -43.02 9.02 12.44
C PRO D 21 -42.47 10.17 11.61
N VAL D 22 -42.92 11.38 11.96
CA VAL D 22 -42.49 12.58 11.26
C VAL D 22 -42.46 13.71 12.27
N THR D 23 -41.46 14.58 12.14
CA THR D 23 -41.28 15.72 13.02
C THR D 23 -41.37 17.00 12.21
N LEU D 24 -42.25 17.90 12.63
CA LEU D 24 -42.39 19.21 12.02
C LEU D 24 -41.76 20.23 12.95
N LEU D 25 -40.86 21.04 12.42
CA LEU D 25 -39.98 21.85 13.25
C LEU D 25 -40.60 23.21 13.55
N CYS D 26 -40.47 23.63 14.81
CA CYS D 26 -40.93 24.95 15.22
C CYS D 26 -40.13 25.38 16.43
N ALA D 27 -39.55 26.58 16.37
CA ALA D 27 -38.81 27.11 17.52
C ALA D 27 -38.92 28.61 17.55
N ILE D 28 -39.10 29.15 18.75
CA ILE D 28 -39.11 30.59 19.01
C ILE D 28 -38.19 30.86 20.19
N PRO D 29 -37.01 31.46 19.99
CA PRO D 29 -36.09 31.64 21.12
C PRO D 29 -36.60 32.69 22.09
N GLU D 30 -36.33 32.46 23.38
CA GLU D 30 -36.51 33.45 24.43
C GLU D 30 -37.97 33.87 24.58
N TYR D 31 -38.88 32.92 24.39
CA TYR D 31 -40.31 33.17 24.41
C TYR D 31 -40.98 32.28 25.44
N ASP D 32 -41.77 32.87 26.33
CA ASP D 32 -42.37 32.15 27.45
C ASP D 32 -43.91 32.15 27.39
N GLY D 33 -44.50 32.46 26.24
CA GLY D 33 -45.94 32.47 26.08
C GLY D 33 -46.48 31.17 25.50
N PHE D 34 -47.77 31.19 25.16
CA PHE D 34 -48.43 30.04 24.57
C PHE D 34 -47.90 29.79 23.16
N VAL D 35 -47.66 28.52 22.83
CA VAL D 35 -47.43 28.07 21.46
C VAL D 35 -48.45 27.00 21.13
N LEU D 36 -49.09 27.14 19.97
CA LEU D 36 -50.14 26.23 19.54
C LEU D 36 -49.76 25.59 18.22
N TRP D 37 -50.07 24.30 18.08
CA TRP D 37 -50.01 23.65 16.79
C TRP D 37 -51.43 23.57 16.22
N ILE D 38 -51.57 23.99 14.97
CA ILE D 38 -52.85 24.07 14.27
C ILE D 38 -52.81 23.07 13.12
N LYS D 39 -53.81 22.20 13.06
CA LYS D 39 -53.94 21.22 11.97
C LYS D 39 -55.23 21.49 11.23
N ASP D 40 -55.13 21.91 9.97
CA ASP D 40 -56.30 22.26 9.18
C ASP D 40 -57.22 23.20 9.96
N GLY D 41 -56.61 24.23 10.55
CA GLY D 41 -57.38 25.25 11.24
C GLY D 41 -57.79 24.92 12.66
N LEU D 42 -57.52 23.71 13.14
CA LEU D 42 -57.91 23.28 14.47
C LEU D 42 -56.68 23.15 15.36
N ALA D 43 -56.72 23.75 16.54
CA ALA D 43 -55.63 23.63 17.50
C ALA D 43 -55.64 22.26 18.17
N LEU D 44 -54.45 21.67 18.29
CA LEU D 44 -54.29 20.33 18.83
C LEU D 44 -54.07 20.30 20.34
N GLY D 45 -53.64 21.41 20.92
CA GLY D 45 -53.32 21.47 22.33
C GLY D 45 -52.68 22.80 22.65
N VAL D 46 -52.24 22.92 23.90
CA VAL D 46 -51.62 24.16 24.38
C VAL D 46 -50.24 23.80 24.92
N GLY D 47 -49.20 24.43 24.38
CA GLY D 47 -47.86 24.07 24.81
C GLY D 47 -47.55 22.64 24.43
N ARG D 48 -46.86 21.94 25.32
CA ARG D 48 -46.60 20.53 25.11
C ARG D 48 -47.75 19.64 25.57
N ASP D 49 -48.86 20.25 26.00
CA ASP D 49 -50.06 19.52 26.43
C ASP D 49 -50.93 19.26 25.21
N LEU D 50 -50.62 18.18 24.50
CA LEU D 50 -51.48 17.61 23.48
C LEU D 50 -52.08 16.30 23.98
N SER D 51 -52.50 16.30 25.25
CA SER D 51 -52.97 15.06 25.87
C SER D 51 -54.24 14.52 25.23
N SER D 52 -54.98 15.34 24.49
CA SER D 52 -56.13 14.81 23.77
C SER D 52 -55.71 13.94 22.59
N TYR D 53 -54.43 13.96 22.23
CA TYR D 53 -53.92 13.27 21.04
C TYR D 53 -52.75 12.37 21.45
N PRO D 54 -53.02 11.13 21.83
CA PRO D 54 -51.91 10.23 22.17
C PRO D 54 -50.97 9.99 21.02
N GLN D 55 -51.39 10.27 19.78
CA GLN D 55 -50.55 10.06 18.62
C GLN D 55 -49.64 11.24 18.29
N TYR D 56 -49.77 12.36 19.01
CA TYR D 56 -48.95 13.55 18.81
C TYR D 56 -48.19 13.89 20.08
N LEU D 57 -46.95 14.32 19.92
CA LEU D 57 -46.15 14.82 21.01
C LEU D 57 -45.47 16.11 20.58
N VAL D 58 -45.22 17.00 21.52
CA VAL D 58 -44.35 18.15 21.26
C VAL D 58 -43.00 17.86 21.88
N VAL D 59 -41.94 17.95 21.08
CA VAL D 59 -40.61 17.59 21.50
C VAL D 59 -39.66 18.74 21.19
N GLY D 60 -38.41 18.55 21.55
CA GLY D 60 -37.38 19.57 21.35
C GLY D 60 -36.82 20.07 22.66
N ASN D 61 -35.74 20.83 22.52
CA ASN D 61 -34.98 21.37 23.65
C ASN D 61 -35.67 22.61 24.18
N HIS D 62 -36.13 22.56 25.43
CA HIS D 62 -36.75 23.72 26.07
C HIS D 62 -35.85 24.95 25.99
N LEU D 63 -34.56 24.77 26.27
CA LEU D 63 -33.66 25.91 26.35
C LEU D 63 -33.46 26.60 25.00
N SER D 64 -33.82 25.94 23.90
CA SER D 64 -33.74 26.53 22.57
C SER D 64 -35.06 27.12 22.10
N GLY D 65 -36.11 27.04 22.91
CA GLY D 65 -37.42 27.45 22.47
C GLY D 65 -38.04 26.53 21.44
N GLU D 66 -37.62 25.27 21.39
CA GLU D 66 -38.13 24.33 20.39
C GLU D 66 -39.47 23.77 20.82
N HIS D 67 -40.44 23.79 19.89
CA HIS D 67 -41.76 23.20 20.05
C HIS D 67 -42.10 22.38 18.81
N HIS D 68 -41.28 21.36 18.53
CA HIS D 68 -41.50 20.52 17.35
C HIS D 68 -42.68 19.59 17.56
N LEU D 69 -43.47 19.41 16.51
CA LEU D 69 -44.58 18.47 16.54
C LEU D 69 -44.09 17.12 16.05
N LYS D 70 -44.22 16.10 16.91
CA LYS D 70 -43.86 14.75 16.54
C LYS D 70 -45.13 13.94 16.35
N ILE D 71 -45.36 13.51 15.12
CA ILE D 71 -46.43 12.60 14.76
C ILE D 71 -45.84 11.20 14.86
N LEU D 72 -46.31 10.42 15.83
CA LEU D 72 -45.62 9.18 16.14
C LEU D 72 -45.77 8.15 15.03
N ARG D 73 -46.91 8.12 14.37
CA ARG D 73 -47.19 7.08 13.38
C ARG D 73 -48.15 7.68 12.36
N ALA D 74 -47.60 8.19 11.26
CA ALA D 74 -48.40 8.96 10.31
C ALA D 74 -49.43 8.07 9.63
N GLU D 75 -50.67 8.54 9.59
CA GLU D 75 -51.75 7.87 8.90
C GLU D 75 -52.42 8.88 7.97
N LEU D 76 -53.29 8.38 7.09
CA LEU D 76 -53.93 9.26 6.12
C LEU D 76 -54.67 10.41 6.79
N GLN D 77 -55.20 10.19 8.00
CA GLN D 77 -55.86 11.24 8.75
C GLN D 77 -54.92 12.39 9.09
N ASP D 78 -53.62 12.17 9.02
CA ASP D 78 -52.63 13.20 9.30
C ASP D 78 -52.21 14.00 8.07
N ASP D 79 -52.61 13.57 6.87
CA ASP D 79 -52.40 14.34 5.66
C ASP D 79 -53.19 15.64 5.77
N ALA D 80 -52.50 16.72 6.13
CA ALA D 80 -53.16 17.98 6.44
C ALA D 80 -52.13 19.09 6.39
N VAL D 81 -52.59 20.31 6.62
CA VAL D 81 -51.73 21.49 6.67
C VAL D 81 -51.54 21.88 8.13
N TYR D 82 -50.29 22.00 8.53
CA TYR D 82 -49.90 22.27 9.90
C TYR D 82 -49.21 23.62 10.00
N GLU D 83 -49.48 24.34 11.08
CA GLU D 83 -48.75 25.57 11.33
C GLU D 83 -48.60 25.72 12.84
N CYS D 84 -47.61 26.52 13.19
N CYS D 84 -47.52 26.36 13.24
CA CYS D 84 -47.21 26.78 14.55
CA CYS D 84 -47.35 26.69 14.65
C CYS D 84 -47.38 28.27 14.82
C CYS D 84 -47.45 28.20 14.81
N GLN D 85 -48.06 28.63 15.90
CA GLN D 85 -48.26 30.04 16.18
C GLN D 85 -48.07 30.31 17.66
N ALA D 86 -47.65 31.54 17.95
CA ALA D 86 -47.39 32.01 19.31
C ALA D 86 -48.40 33.09 19.64
N ILE D 87 -49.20 32.86 20.69
CA ILE D 87 -50.33 33.76 20.97
C ILE D 87 -49.83 35.13 21.42
N GLN D 88 -49.08 35.16 22.52
CA GLN D 88 -48.62 36.43 23.08
C GLN D 88 -47.74 37.20 22.10
N ALA D 89 -46.98 36.50 21.26
CA ALA D 89 -46.12 37.17 20.29
C ALA D 89 -46.88 37.53 19.02
N ALA D 90 -48.02 36.89 18.78
CA ALA D 90 -48.88 37.17 17.64
C ALA D 90 -48.15 36.94 16.32
N ILE D 91 -47.49 35.80 16.21
CA ILE D 91 -46.85 35.41 14.96
C ILE D 91 -47.32 34.01 14.57
N ARG D 92 -47.51 33.79 13.28
CA ARG D 92 -47.87 32.50 12.73
C ARG D 92 -46.75 32.01 11.82
N SER D 93 -46.41 30.73 11.94
CA SER D 93 -45.39 30.22 11.05
C SER D 93 -45.98 29.96 9.67
N ARG D 94 -45.08 29.77 8.70
N ARG D 94 -45.08 29.76 8.70
N ARG D 94 -45.08 29.75 8.70
CA ARG D 94 -45.51 29.33 7.38
CA ARG D 94 -45.52 29.35 7.38
CA ARG D 94 -45.51 29.35 7.38
C ARG D 94 -46.28 28.02 7.51
C ARG D 94 -46.25 28.01 7.48
C ARG D 94 -46.22 28.01 7.46
N PRO D 95 -47.22 27.78 6.62
CA PRO D 95 -47.94 26.50 6.64
C PRO D 95 -47.12 25.39 6.00
N ALA D 96 -47.32 24.17 6.51
CA ALA D 96 -46.57 23.00 6.06
C ALA D 96 -47.57 21.90 5.74
N ARG D 97 -47.55 21.44 4.49
CA ARG D 97 -48.41 20.35 4.07
C ARG D 97 -47.67 19.03 4.27
N LEU D 98 -48.31 18.12 4.99
CA LEU D 98 -47.80 16.77 5.18
C LEU D 98 -48.55 15.85 4.22
N THR D 99 -47.84 15.33 3.22
CA THR D 99 -48.41 14.37 2.28
C THR D 99 -48.16 12.97 2.81
N VAL D 100 -49.21 12.18 2.97
CA VAL D 100 -49.09 10.82 3.47
C VAL D 100 -49.42 9.86 2.33
N LEU D 101 -48.48 8.98 2.04
CA LEU D 101 -48.63 7.96 1.01
C LEU D 101 -48.84 6.61 1.68
N VAL D 102 -49.72 5.81 1.11
CA VAL D 102 -50.08 4.53 1.73
C VAL D 102 -49.48 3.37 0.95
N PRO D 103 -49.10 2.28 1.61
CA PRO D 103 -48.64 1.05 0.96
C PRO D 103 -49.70 -0.04 0.94
N VAL E 4 2.94 -21.18 -11.84
CA VAL E 4 2.86 -21.42 -10.39
C VAL E 4 2.71 -20.09 -9.62
N TYR E 5 3.76 -19.62 -8.95
CA TYR E 5 3.69 -18.39 -8.16
C TYR E 5 3.68 -17.14 -9.04
N SER E 6 2.86 -16.16 -8.66
CA SER E 6 2.85 -14.87 -9.32
C SER E 6 2.68 -13.78 -8.27
N PHE E 7 2.78 -12.52 -8.71
CA PHE E 7 2.62 -11.37 -7.81
C PHE E 7 1.15 -11.01 -7.64
N SER E 8 0.71 -10.91 -6.39
CA SER E 8 -0.60 -10.35 -6.10
C SER E 8 -0.57 -8.83 -6.14
N GLN E 9 0.50 -8.21 -5.64
CA GLN E 9 0.71 -6.77 -5.74
C GLN E 9 2.15 -6.49 -6.13
N GLN E 10 2.34 -5.58 -7.07
CA GLN E 10 3.66 -5.18 -7.55
C GLN E 10 3.90 -3.70 -7.26
N PRO E 11 5.15 -3.29 -7.06
CA PRO E 11 5.41 -1.89 -6.69
C PRO E 11 5.02 -0.95 -7.82
N GLN E 12 4.49 0.21 -7.44
CA GLN E 12 4.06 1.22 -8.40
C GLN E 12 4.92 2.46 -8.26
N ASP E 13 5.01 3.22 -9.35
CA ASP E 13 5.70 4.49 -9.30
C ASP E 13 5.03 5.41 -8.29
N GLN E 14 5.83 6.12 -7.52
CA GLN E 14 5.33 7.03 -6.50
C GLN E 14 6.16 8.30 -6.50
N VAL E 15 5.50 9.41 -6.18
CA VAL E 15 6.15 10.69 -6.00
C VAL E 15 6.04 11.05 -4.53
N VAL E 16 7.18 11.26 -3.87
CA VAL E 16 7.18 11.50 -2.43
C VAL E 16 8.00 12.75 -2.12
N VAL E 17 7.77 13.31 -0.92
CA VAL E 17 8.50 14.47 -0.42
C VAL E 17 9.71 13.98 0.38
N SER E 18 10.81 14.74 0.30
CA SER E 18 11.95 14.48 1.16
C SER E 18 11.53 14.54 2.62
N GLY E 19 11.80 13.47 3.36
CA GLY E 19 11.51 13.41 4.77
C GLY E 19 10.28 12.61 5.13
N GLN E 20 9.49 12.19 4.16
CA GLN E 20 8.31 11.42 4.51
C GLN E 20 8.56 9.93 4.29
N PRO E 21 7.87 9.08 5.04
CA PRO E 21 7.95 7.63 4.79
C PRO E 21 7.15 7.25 3.57
N VAL E 22 7.55 6.14 2.94
CA VAL E 22 6.82 5.58 1.82
C VAL E 22 7.01 4.07 1.83
N THR E 23 5.97 3.36 1.37
CA THR E 23 5.97 1.91 1.31
C THR E 23 5.72 1.45 -0.12
N LEU E 24 6.62 0.61 -0.62
CA LEU E 24 6.47 -0.01 -1.93
C LEU E 24 5.96 -1.43 -1.76
N LEU E 25 4.88 -1.77 -2.45
CA LEU E 25 4.17 -3.01 -2.21
C LEU E 25 4.73 -4.14 -3.05
N CYS E 26 4.81 -5.33 -2.43
CA CYS E 26 5.26 -6.54 -3.10
C CYS E 26 4.74 -7.72 -2.30
N ALA E 27 3.94 -8.57 -2.92
CA ALA E 27 3.39 -9.73 -2.22
C ALA E 27 3.26 -10.90 -3.18
N ILE E 28 3.57 -12.09 -2.69
CA ILE E 28 3.45 -13.32 -3.46
C ILE E 28 2.78 -14.38 -2.60
N PRO E 29 1.50 -14.66 -2.82
CA PRO E 29 0.77 -15.60 -1.95
C PRO E 29 1.34 -17.01 -1.99
N GLU E 30 1.29 -17.67 -0.84
CA GLU E 30 1.72 -19.06 -0.69
C GLU E 30 3.17 -19.25 -1.12
N TYR E 31 4.00 -18.24 -0.85
CA TYR E 31 5.41 -18.25 -1.19
C TYR E 31 6.23 -18.09 0.08
N ASP E 32 7.01 -19.12 0.41
CA ASP E 32 7.84 -19.13 1.59
C ASP E 32 9.32 -18.87 1.29
N GLY E 33 9.68 -18.65 0.03
CA GLY E 33 11.05 -18.50 -0.37
C GLY E 33 11.59 -17.10 -0.13
N PHE E 34 12.81 -16.88 -0.60
CA PHE E 34 13.46 -15.60 -0.43
C PHE E 34 12.84 -14.54 -1.33
N VAL E 35 12.84 -13.31 -0.84
CA VAL E 35 12.42 -12.15 -1.62
C VAL E 35 13.45 -11.04 -1.42
N LEU E 36 13.95 -10.48 -2.51
CA LEU E 36 14.97 -9.42 -2.46
C LEU E 36 14.44 -8.16 -3.13
N TRP E 37 14.85 -7.01 -2.59
CA TRP E 37 14.56 -5.71 -3.20
C TRP E 37 15.82 -5.21 -3.89
N ILE E 38 15.67 -4.74 -5.13
CA ILE E 38 16.78 -4.31 -5.96
C ILE E 38 16.59 -2.82 -6.25
N LYS E 39 17.62 -2.04 -5.93
CA LYS E 39 17.60 -0.60 -6.16
C LYS E 39 18.64 -0.28 -7.22
N ASP E 40 18.18 0.20 -8.38
CA ASP E 40 19.07 0.54 -9.50
C ASP E 40 20.02 -0.62 -9.80
N GLY E 41 19.45 -1.82 -9.87
CA GLY E 41 20.24 -3.00 -10.19
C GLY E 41 21.04 -3.57 -9.04
N LEU E 42 20.95 -3.00 -7.84
CA LEU E 42 21.74 -3.45 -6.70
C LEU E 42 20.80 -3.95 -5.61
N ALA E 43 21.10 -5.13 -5.08
CA ALA E 43 20.31 -5.72 -4.00
C ALA E 43 20.59 -5.04 -2.67
N LEU E 44 19.54 -4.88 -1.86
CA LEU E 44 19.62 -4.15 -0.60
C LEU E 44 19.88 -5.03 0.62
N GLY E 45 19.59 -6.32 0.53
CA GLY E 45 19.82 -7.19 1.66
C GLY E 45 19.10 -8.51 1.50
N VAL E 46 19.28 -9.36 2.50
CA VAL E 46 18.64 -10.66 2.56
C VAL E 46 17.63 -10.71 3.70
N GLY E 47 17.99 -10.19 4.87
CA GLY E 47 17.06 -10.14 5.97
C GLY E 47 16.07 -9.00 5.83
N ARG E 48 14.88 -9.21 6.39
CA ARG E 48 13.84 -8.19 6.35
C ARG E 48 14.24 -6.93 7.10
N ASP E 49 15.30 -6.99 7.91
CA ASP E 49 15.80 -5.81 8.62
C ASP E 49 16.55 -4.86 7.68
N LEU E 50 17.22 -5.40 6.66
CA LEU E 50 18.11 -4.64 5.80
C LEU E 50 19.10 -3.85 6.67
N SER E 51 19.91 -4.60 7.42
CA SER E 51 20.77 -3.99 8.43
C SER E 51 21.81 -3.07 7.81
N SER E 52 22.20 -3.32 6.56
CA SER E 52 23.15 -2.44 5.91
C SER E 52 22.55 -1.07 5.61
N TYR E 53 21.23 -0.94 5.72
CA TYR E 53 20.51 0.31 5.45
C TYR E 53 19.57 0.61 6.62
N PRO E 54 19.96 1.51 7.53
CA PRO E 54 19.06 1.86 8.64
C PRO E 54 17.76 2.52 8.19
N GLN E 55 17.71 3.06 6.97
CA GLN E 55 16.54 3.79 6.50
C GLN E 55 15.51 2.90 5.83
N TYR E 56 15.83 1.62 5.61
CA TYR E 56 14.94 0.70 4.91
C TYR E 56 14.50 -0.41 5.86
N LEU E 57 13.24 -0.80 5.73
CA LEU E 57 12.70 -1.97 6.43
C LEU E 57 11.81 -2.74 5.48
N VAL E 58 11.86 -4.07 5.57
CA VAL E 58 10.87 -4.90 4.89
C VAL E 58 9.74 -5.16 5.86
N VAL E 59 8.55 -4.68 5.53
CA VAL E 59 7.40 -4.83 6.41
C VAL E 59 6.34 -5.69 5.72
N GLY E 60 5.18 -5.79 6.33
CA GLY E 60 4.12 -6.67 5.87
C GLY E 60 4.09 -7.96 6.68
N ASN E 61 3.01 -8.69 6.49
CA ASN E 61 2.85 -10.00 7.12
C ASN E 61 3.54 -11.04 6.26
N HIS E 62 4.70 -11.51 6.71
CA HIS E 62 5.44 -12.54 5.97
C HIS E 62 4.63 -13.82 5.82
N LEU E 63 3.67 -14.06 6.71
CA LEU E 63 2.77 -15.19 6.57
C LEU E 63 1.92 -15.05 5.31
N SER E 64 1.31 -13.89 5.11
CA SER E 64 0.50 -13.63 3.93
C SER E 64 1.34 -13.45 2.68
N GLY E 65 2.65 -13.67 2.77
CA GLY E 65 3.52 -13.51 1.62
C GLY E 65 3.86 -12.08 1.28
N GLU E 66 3.88 -11.19 2.28
CA GLU E 66 4.06 -9.76 2.08
C GLU E 66 5.51 -9.36 2.36
N HIS E 67 6.12 -8.64 1.42
CA HIS E 67 7.50 -8.20 1.54
C HIS E 67 7.59 -6.74 1.10
N HIS E 68 6.79 -5.89 1.74
CA HIS E 68 6.78 -4.47 1.43
C HIS E 68 8.06 -3.82 1.89
N LEU E 69 8.66 -3.00 1.02
CA LEU E 69 9.83 -2.21 1.35
C LEU E 69 9.37 -0.88 1.94
N LYS E 70 9.73 -0.64 3.20
CA LYS E 70 9.44 0.63 3.85
C LYS E 70 10.71 1.48 3.90
N ILE E 71 10.66 2.62 3.22
CA ILE E 71 11.69 3.64 3.34
C ILE E 71 11.23 4.57 4.46
N LEU E 72 11.95 4.56 5.58
CA LEU E 72 11.44 5.20 6.78
C LEU E 72 11.45 6.72 6.68
N ARG E 73 12.43 7.29 5.97
CA ARG E 73 12.48 8.74 5.75
C ARG E 73 13.14 8.95 4.39
N ALA E 74 12.32 9.25 3.39
CA ALA E 74 12.82 9.37 2.03
C ALA E 74 13.73 10.59 1.90
N GLU E 75 14.80 10.41 1.13
CA GLU E 75 15.75 11.46 0.80
C GLU E 75 16.04 11.39 -0.69
N LEU E 76 16.69 12.43 -1.21
CA LEU E 76 16.97 12.48 -2.64
C LEU E 76 17.73 11.25 -3.11
N GLN E 77 18.59 10.70 -2.25
CA GLN E 77 19.34 9.51 -2.62
C GLN E 77 18.43 8.31 -2.85
N ASP E 78 17.21 8.34 -2.32
CA ASP E 78 16.25 7.26 -2.53
C ASP E 78 15.53 7.35 -3.86
N ASP E 79 15.63 8.49 -4.56
CA ASP E 79 15.10 8.62 -5.91
C ASP E 79 15.80 7.59 -6.79
N ALA E 80 15.09 6.52 -7.13
CA ALA E 80 15.71 5.41 -7.83
C ALA E 80 14.60 4.55 -8.43
N VAL E 81 15.01 3.52 -9.15
CA VAL E 81 14.11 2.52 -9.71
C VAL E 81 14.24 1.26 -8.88
N TYR E 82 13.12 0.75 -8.39
CA TYR E 82 13.13 -0.39 -7.50
C TYR E 82 12.40 -1.55 -8.15
N GLU E 83 12.75 -2.75 -7.71
CA GLU E 83 11.99 -3.92 -8.11
C GLU E 83 12.12 -4.95 -7.00
N CYS E 84 11.26 -5.96 -7.10
N CYS E 84 11.18 -5.89 -6.98
CA CYS E 84 11.12 -7.02 -6.11
CA CYS E 84 11.27 -7.01 -6.06
C CYS E 84 11.14 -8.36 -6.83
C CYS E 84 11.26 -8.29 -6.88
N GLN E 85 11.95 -9.30 -6.35
CA GLN E 85 12.06 -10.58 -7.03
C GLN E 85 12.20 -11.71 -6.03
N ALA E 86 11.66 -12.86 -6.41
CA ALA E 86 11.65 -14.06 -5.58
C ALA E 86 12.63 -15.08 -6.17
N ILE E 87 13.55 -15.56 -5.34
CA ILE E 87 14.63 -16.41 -5.83
C ILE E 87 14.10 -17.77 -6.28
N GLN E 88 13.53 -18.54 -5.34
CA GLN E 88 13.08 -19.90 -5.67
C GLN E 88 11.98 -19.89 -6.72
N ALA E 89 11.17 -18.84 -6.75
CA ALA E 89 10.13 -18.73 -7.77
C ALA E 89 10.65 -18.17 -9.09
N ALA E 90 11.81 -17.50 -9.08
CA ALA E 90 12.45 -16.99 -10.28
C ALA E 90 11.54 -16.06 -11.07
N ILE E 91 10.94 -15.09 -10.36
CA ILE E 91 10.07 -14.08 -10.98
C ILE E 91 10.52 -12.71 -10.51
N ARG E 92 10.49 -11.73 -11.42
CA ARG E 92 10.83 -10.35 -11.13
C ARG E 92 9.59 -9.48 -11.29
N SER E 93 9.49 -8.46 -10.47
CA SER E 93 8.36 -7.55 -10.57
C SER E 93 8.68 -6.41 -11.53
N ARG E 94 7.63 -5.67 -11.89
CA ARG E 94 7.83 -4.50 -12.73
CA ARG E 94 7.83 -4.50 -12.73
C ARG E 94 8.71 -3.47 -12.00
N PRO E 95 9.49 -2.67 -12.74
CA PRO E 95 10.31 -1.65 -12.07
C PRO E 95 9.45 -0.48 -11.62
N ALA E 96 9.64 -0.07 -10.37
CA ALA E 96 8.92 1.04 -9.79
C ALA E 96 9.87 2.22 -9.64
N ARG E 97 9.51 3.37 -10.22
CA ARG E 97 10.31 4.57 -10.10
C ARG E 97 9.81 5.39 -8.92
N LEU E 98 10.67 5.61 -7.94
CA LEU E 98 10.36 6.47 -6.80
C LEU E 98 10.95 7.84 -7.07
N THR E 99 10.10 8.85 -7.15
CA THR E 99 10.51 10.22 -7.42
C THR E 99 10.44 11.03 -6.13
N VAL E 100 11.59 11.55 -5.70
CA VAL E 100 11.70 12.28 -4.44
C VAL E 100 11.90 13.75 -4.76
N LEU E 101 11.04 14.60 -4.20
CA LEU E 101 11.09 16.04 -4.41
C LEU E 101 11.53 16.73 -3.13
N VAL E 102 12.48 17.65 -3.25
CA VAL E 102 13.10 18.29 -2.10
C VAL E 102 12.55 19.71 -1.93
N PRO E 103 12.19 20.14 -0.71
CA PRO E 103 11.71 21.51 -0.47
C PRO E 103 12.78 22.56 -0.78
N VAL F 4 34.85 1.61 -0.19
CA VAL F 4 35.83 0.93 0.66
C VAL F 4 36.40 -0.31 -0.02
N TYR F 5 35.55 -1.32 -0.22
CA TYR F 5 35.96 -2.61 -0.77
C TYR F 5 36.01 -2.56 -2.29
N SER F 6 36.66 -3.57 -2.87
CA SER F 6 36.73 -3.67 -4.32
C SER F 6 36.91 -5.13 -4.68
N PHE F 7 36.57 -5.47 -5.93
CA PHE F 7 36.78 -6.83 -6.42
C PHE F 7 38.27 -7.06 -6.66
N SER F 8 38.76 -8.22 -6.22
CA SER F 8 40.09 -8.64 -6.65
C SER F 8 40.01 -9.32 -8.02
N GLN F 9 38.94 -10.05 -8.27
CA GLN F 9 38.68 -10.61 -9.59
C GLN F 9 37.19 -10.52 -9.88
N GLN F 10 36.87 -10.27 -11.15
CA GLN F 10 35.51 -10.18 -11.62
C GLN F 10 35.30 -11.17 -12.76
N PRO F 11 34.07 -11.65 -12.94
CA PRO F 11 33.83 -12.66 -13.97
C PRO F 11 34.10 -12.12 -15.36
N GLN F 12 34.63 -12.99 -16.22
CA GLN F 12 34.94 -12.65 -17.59
C GLN F 12 34.13 -13.55 -18.53
N ASP F 13 33.93 -13.06 -19.74
CA ASP F 13 33.18 -13.82 -20.74
C ASP F 13 33.82 -15.18 -20.94
N GLN F 14 32.98 -16.20 -21.06
N GLN F 14 32.97 -16.21 -21.01
CA GLN F 14 33.43 -17.56 -21.23
CA GLN F 14 33.42 -17.58 -21.23
C GLN F 14 32.56 -18.27 -22.25
C GLN F 14 32.56 -18.22 -22.30
N VAL F 15 33.17 -19.12 -23.07
CA VAL F 15 32.49 -19.91 -24.08
C VAL F 15 32.76 -21.36 -23.75
N VAL F 16 31.70 -22.16 -23.61
CA VAL F 16 31.82 -23.53 -23.15
C VAL F 16 30.88 -24.40 -23.98
N VAL F 17 31.00 -25.70 -23.77
CA VAL F 17 30.22 -26.70 -24.49
C VAL F 17 29.22 -27.32 -23.53
N SER F 18 28.03 -27.62 -24.03
CA SER F 18 27.02 -28.28 -23.23
C SER F 18 27.57 -29.56 -22.63
N GLY F 19 27.42 -29.70 -21.32
CA GLY F 19 27.90 -30.86 -20.60
C GLY F 19 29.19 -30.61 -19.85
N GLN F 20 29.82 -29.45 -20.04
CA GLN F 20 31.09 -29.15 -19.42
C GLN F 20 30.91 -28.27 -18.19
N PRO F 21 31.82 -28.39 -17.23
CA PRO F 21 31.84 -27.44 -16.12
C PRO F 21 32.30 -26.08 -16.60
N VAL F 22 31.88 -25.04 -15.87
N VAL F 22 31.84 -25.07 -15.87
CA VAL F 22 32.38 -23.70 -16.12
CA VAL F 22 32.22 -23.67 -16.07
C VAL F 22 32.36 -22.96 -14.79
C VAL F 22 32.40 -23.05 -14.70
N THR F 23 33.40 -22.18 -14.55
CA THR F 23 33.60 -21.43 -13.33
C THR F 23 33.76 -19.95 -13.65
N LEU F 24 32.94 -19.11 -13.01
CA LEU F 24 33.02 -17.66 -13.15
C LEU F 24 33.63 -17.07 -11.87
N LEU F 25 34.67 -16.27 -12.04
CA LEU F 25 35.45 -15.78 -10.91
C LEU F 25 34.80 -14.57 -10.28
N CYS F 26 34.85 -14.52 -8.95
CA CYS F 26 34.46 -13.34 -8.20
C CYS F 26 35.13 -13.43 -6.83
N ALA F 27 35.82 -12.38 -6.45
CA ALA F 27 36.55 -12.39 -5.18
C ALA F 27 36.67 -10.97 -4.66
N ILE F 28 36.38 -10.78 -3.38
CA ILE F 28 36.49 -9.48 -2.72
C ILE F 28 37.30 -9.65 -1.44
N PRO F 29 38.50 -9.10 -1.36
CA PRO F 29 39.34 -9.33 -0.19
C PRO F 29 38.77 -8.69 1.05
N GLU F 30 39.12 -9.29 2.20
CA GLU F 30 38.77 -8.80 3.53
C GLU F 30 37.29 -8.41 3.67
N TYR F 31 36.43 -8.95 2.81
CA TYR F 31 35.00 -8.66 2.86
C TYR F 31 34.25 -9.86 3.42
N ASP F 32 33.42 -9.62 4.44
CA ASP F 32 32.70 -10.67 5.14
C ASP F 32 31.18 -10.58 4.97
N GLY F 33 30.67 -9.63 4.20
CA GLY F 33 29.24 -9.51 3.99
C GLY F 33 28.73 -10.49 2.95
N PHE F 34 27.50 -10.24 2.52
CA PHE F 34 26.87 -11.10 1.52
C PHE F 34 27.41 -10.81 0.13
N VAL F 35 27.41 -11.84 -0.71
CA VAL F 35 27.77 -11.74 -2.11
C VAL F 35 26.75 -12.52 -2.91
N LEU F 36 26.22 -11.90 -3.96
CA LEU F 36 25.16 -12.49 -4.76
C LEU F 36 25.60 -12.61 -6.21
N TRP F 37 25.08 -13.63 -6.88
CA TRP F 37 25.28 -13.84 -8.32
C TRP F 37 23.97 -13.58 -9.05
N ILE F 38 24.06 -12.83 -10.14
CA ILE F 38 22.89 -12.34 -10.89
C ILE F 38 22.93 -12.95 -12.28
N LYS F 39 21.89 -13.70 -12.64
CA LYS F 39 21.76 -14.28 -13.98
C LYS F 39 20.59 -13.60 -14.69
N ASP F 40 20.91 -12.82 -15.73
CA ASP F 40 19.90 -12.15 -16.55
C ASP F 40 18.95 -11.33 -15.66
N GLY F 41 19.54 -10.50 -14.80
CA GLY F 41 18.80 -9.64 -13.90
C GLY F 41 18.24 -10.30 -12.67
N LEU F 42 18.22 -11.62 -12.61
CA LEU F 42 17.63 -12.37 -11.52
C LEU F 42 18.70 -12.96 -10.62
N ALA F 43 18.51 -12.84 -9.31
CA ALA F 43 19.45 -13.40 -8.35
C ALA F 43 19.20 -14.89 -8.15
N LEU F 44 20.30 -15.62 -7.92
CA LEU F 44 20.28 -17.08 -7.89
C LEU F 44 20.11 -17.66 -6.49
N GLY F 45 20.56 -16.97 -5.45
CA GLY F 45 20.44 -17.48 -4.11
C GLY F 45 21.22 -16.62 -3.14
N VAL F 46 21.21 -17.05 -1.87
CA VAL F 46 21.90 -16.37 -0.79
C VAL F 46 23.02 -17.24 -0.22
N GLY F 47 22.71 -18.48 0.11
CA GLY F 47 23.74 -19.38 0.61
C GLY F 47 24.64 -19.86 -0.50
N ARG F 48 25.86 -20.27 -0.11
CA ARG F 48 26.83 -20.73 -1.08
C ARG F 48 26.43 -22.03 -1.77
N ASP F 49 25.30 -22.64 -1.38
CA ASP F 49 24.83 -23.85 -2.04
C ASP F 49 23.91 -23.57 -3.22
N LEU F 50 23.27 -22.41 -3.26
CA LEU F 50 22.31 -22.07 -4.30
C LEU F 50 21.31 -23.22 -4.47
N SER F 51 20.62 -23.52 -3.37
CA SER F 51 19.83 -24.75 -3.28
C SER F 51 18.71 -24.80 -4.32
N SER F 52 18.19 -23.64 -4.73
CA SER F 52 17.13 -23.64 -5.74
C SER F 52 17.65 -24.03 -7.11
N TYR F 53 18.97 -24.17 -7.27
CA TYR F 53 19.60 -24.50 -8.54
C TYR F 53 20.57 -25.65 -8.30
N PRO F 54 20.13 -26.89 -8.54
CA PRO F 54 21.03 -28.03 -8.34
C PRO F 54 22.28 -27.99 -9.22
N GLN F 55 22.28 -27.22 -10.31
CA GLN F 55 23.41 -27.16 -11.22
C GLN F 55 24.44 -26.11 -10.83
N TYR F 56 24.13 -25.23 -9.88
CA TYR F 56 25.01 -24.15 -9.50
C TYR F 56 25.51 -24.35 -8.07
N LEU F 57 26.68 -23.76 -7.77
CA LEU F 57 27.31 -23.83 -6.47
C LEU F 57 28.29 -22.68 -6.37
N VAL F 58 28.52 -22.19 -5.16
CA VAL F 58 29.54 -21.18 -4.91
C VAL F 58 30.75 -21.85 -4.29
N VAL F 59 31.88 -21.76 -4.98
CA VAL F 59 33.11 -22.40 -4.53
C VAL F 59 34.17 -21.33 -4.32
N GLY F 60 35.38 -21.77 -3.99
CA GLY F 60 36.46 -20.87 -3.63
C GLY F 60 36.71 -20.87 -2.14
N ASN F 61 37.82 -20.25 -1.77
CA ASN F 61 38.19 -20.11 -0.37
C ASN F 61 37.48 -18.90 0.21
N HIS F 62 36.44 -19.16 1.02
CA HIS F 62 35.72 -18.07 1.68
C HIS F 62 36.64 -17.22 2.54
N LEU F 63 37.77 -17.77 3.00
CA LEU F 63 38.72 -16.99 3.78
C LEU F 63 39.36 -15.89 2.93
N SER F 64 39.80 -16.24 1.72
CA SER F 64 40.37 -15.26 0.79
C SER F 64 39.33 -14.32 0.22
N GLY F 65 38.08 -14.37 0.69
CA GLY F 65 37.03 -13.57 0.08
C GLY F 65 36.66 -14.01 -1.30
N GLU F 66 36.70 -15.31 -1.57
CA GLU F 66 36.42 -15.86 -2.90
C GLU F 66 35.00 -16.40 -2.95
N HIS F 67 34.28 -16.04 -4.02
CA HIS F 67 32.88 -16.41 -4.18
C HIS F 67 32.64 -16.77 -5.65
N HIS F 68 33.37 -17.77 -6.13
CA HIS F 68 33.31 -18.15 -7.53
C HIS F 68 32.06 -19.00 -7.80
N LEU F 69 31.35 -18.67 -8.86
CA LEU F 69 30.19 -19.46 -9.28
C LEU F 69 30.66 -20.63 -10.13
N LYS F 70 30.27 -21.84 -9.74
CA LYS F 70 30.59 -23.05 -10.48
C LYS F 70 29.31 -23.66 -11.03
N ILE F 71 29.26 -23.80 -12.35
CA ILE F 71 28.20 -24.55 -13.02
C ILE F 71 28.73 -25.95 -13.27
N LEU F 72 28.11 -26.94 -12.63
CA LEU F 72 28.65 -28.30 -12.66
C LEU F 72 28.56 -28.93 -14.04
N ARG F 73 27.52 -28.60 -14.80
CA ARG F 73 27.32 -29.16 -16.13
C ARG F 73 26.55 -28.13 -16.94
N ALA F 74 27.26 -27.38 -17.77
CA ALA F 74 26.62 -26.31 -18.53
C ALA F 74 25.57 -26.89 -19.47
N GLU F 75 24.48 -26.15 -19.64
CA GLU F 75 23.48 -26.50 -20.63
C GLU F 75 23.00 -25.21 -21.27
N LEU F 76 22.19 -25.34 -22.32
CA LEU F 76 21.84 -24.17 -23.13
C LEU F 76 21.06 -23.13 -22.35
N GLN F 77 20.31 -23.55 -21.32
CA GLN F 77 19.60 -22.58 -20.48
C GLN F 77 20.55 -21.72 -19.67
N ASP F 78 21.81 -22.15 -19.51
CA ASP F 78 22.83 -21.40 -18.77
C ASP F 78 23.45 -20.29 -19.59
N ASP F 79 23.18 -20.24 -20.90
CA ASP F 79 23.68 -19.14 -21.73
C ASP F 79 22.98 -17.86 -21.32
N ALA F 80 23.70 -16.98 -20.66
CA ALA F 80 23.08 -15.78 -20.09
C ALA F 80 24.20 -14.80 -19.72
N VAL F 81 23.78 -13.65 -19.20
CA VAL F 81 24.68 -12.62 -18.70
C VAL F 81 24.70 -12.70 -17.18
N TYR F 82 25.89 -12.80 -16.61
CA TYR F 82 26.05 -12.96 -15.18
C TYR F 82 26.80 -11.78 -14.60
N GLU F 83 26.54 -11.51 -13.32
CA GLU F 83 27.32 -10.53 -12.58
C GLU F 83 27.30 -10.94 -11.11
N CYS F 84 28.27 -10.39 -10.38
N CYS F 84 28.32 -10.51 -10.39
CA CYS F 84 28.50 -10.69 -8.97
CA CYS F 84 28.36 -10.73 -8.95
C CYS F 84 28.47 -9.39 -8.19
C CYS F 84 28.35 -9.38 -8.24
N GLN F 85 27.71 -9.35 -7.09
CA GLN F 85 27.59 -8.13 -6.33
C GLN F 85 27.57 -8.44 -4.85
N ALA F 86 28.14 -7.53 -4.07
CA ALA F 86 28.23 -7.65 -2.62
C ALA F 86 27.25 -6.68 -1.99
N ILE F 87 26.47 -7.15 -1.02
CA ILE F 87 25.40 -6.35 -0.45
C ILE F 87 25.97 -5.24 0.44
N GLN F 88 26.63 -5.63 1.53
CA GLN F 88 27.13 -4.63 2.47
C GLN F 88 28.12 -3.68 1.81
N ALA F 89 28.94 -4.21 0.90
CA ALA F 89 29.87 -3.36 0.17
C ALA F 89 29.19 -2.53 -0.91
N ALA F 90 27.99 -2.94 -1.35
CA ALA F 90 27.19 -2.20 -2.34
C ALA F 90 27.97 -1.95 -3.63
N ILE F 91 28.54 -3.02 -4.18
CA ILE F 91 29.28 -2.96 -5.42
C ILE F 91 28.79 -4.08 -6.34
N ARG F 92 28.83 -3.81 -7.65
CA ARG F 92 28.45 -4.76 -8.68
C ARG F 92 29.64 -5.03 -9.59
N SER F 93 29.86 -6.29 -9.94
CA SER F 93 30.93 -6.59 -10.87
C SER F 93 30.52 -6.25 -12.29
N ARG F 94 31.50 -6.31 -13.18
CA ARG F 94 31.20 -6.23 -14.60
C ARG F 94 30.32 -7.42 -15.00
N PRO F 95 29.51 -7.27 -16.04
CA PRO F 95 28.75 -8.42 -16.55
C PRO F 95 29.64 -9.33 -17.37
N ALA F 96 29.34 -10.63 -17.28
CA ALA F 96 30.07 -11.66 -18.02
C ALA F 96 29.06 -12.49 -18.80
N ARG F 97 29.27 -12.60 -20.11
CA ARG F 97 28.38 -13.38 -20.95
C ARG F 97 28.92 -14.80 -21.10
N LEU F 98 28.12 -15.77 -20.69
CA LEU F 98 28.47 -17.18 -20.84
C LEU F 98 27.84 -17.69 -22.14
N THR F 99 28.66 -17.98 -23.12
CA THR F 99 28.19 -18.59 -24.37
C THR F 99 28.27 -20.10 -24.23
N VAL F 100 27.17 -20.78 -24.53
CA VAL F 100 27.10 -22.24 -24.44
C VAL F 100 26.87 -22.78 -25.84
N LEU F 101 27.60 -23.83 -26.19
CA LEU F 101 27.60 -24.37 -27.55
C LEU F 101 27.15 -25.82 -27.53
N VAL F 102 26.14 -26.14 -28.32
CA VAL F 102 25.54 -27.47 -28.37
C VAL F 102 26.10 -28.22 -29.57
N PRO F 103 26.60 -29.46 -29.40
CA PRO F 103 27.14 -30.30 -30.49
C PRO F 103 26.14 -30.60 -31.59
N VAL G 4 41.67 -38.46 -27.24
CA VAL G 4 41.43 -37.06 -27.56
C VAL G 4 40.80 -36.32 -26.39
N TYR G 5 41.41 -35.21 -26.00
CA TYR G 5 40.93 -34.39 -24.89
C TYR G 5 40.94 -32.92 -25.30
N SER G 6 40.07 -32.13 -24.67
CA SER G 6 40.03 -30.71 -24.95
C SER G 6 39.88 -29.95 -23.63
N PHE G 7 40.36 -28.70 -23.63
CA PHE G 7 40.14 -27.83 -22.48
C PHE G 7 38.67 -27.45 -22.42
N SER G 8 38.07 -27.56 -21.23
CA SER G 8 36.77 -26.93 -21.01
C SER G 8 36.92 -25.46 -20.63
N GLN G 9 38.07 -25.07 -20.08
CA GLN G 9 38.41 -23.69 -19.81
C GLN G 9 39.91 -23.53 -19.90
N GLN G 10 40.36 -22.38 -20.37
CA GLN G 10 41.76 -22.04 -20.50
C GLN G 10 42.01 -20.72 -19.81
N PRO G 11 43.25 -20.47 -19.36
CA PRO G 11 43.52 -19.22 -18.63
C PRO G 11 43.37 -18.01 -19.52
N GLN G 12 42.91 -16.91 -18.92
CA GLN G 12 42.72 -15.66 -19.62
C GLN G 12 43.65 -14.60 -19.05
N ASP G 13 43.91 -13.57 -19.84
CA ASP G 13 44.66 -12.43 -19.33
C ASP G 13 43.92 -11.79 -18.17
N GLN G 14 44.67 -11.47 -17.13
CA GLN G 14 44.09 -10.81 -15.95
C GLN G 14 45.01 -9.68 -15.53
N VAL G 15 44.40 -8.59 -15.06
CA VAL G 15 45.12 -7.47 -14.47
C VAL G 15 44.83 -7.49 -12.98
N VAL G 16 45.88 -7.34 -12.17
CA VAL G 16 45.80 -7.63 -10.75
C VAL G 16 46.68 -6.63 -9.99
N VAL G 17 46.25 -6.25 -8.79
CA VAL G 17 47.03 -5.36 -7.93
C VAL G 17 47.97 -6.21 -7.08
N SER G 18 49.20 -5.72 -6.91
CA SER G 18 50.18 -6.40 -6.09
C SER G 18 49.65 -6.55 -4.67
N GLY G 19 49.59 -7.79 -4.19
CA GLY G 19 49.14 -8.12 -2.85
C GLY G 19 47.87 -8.93 -2.78
N GLN G 20 47.04 -8.90 -3.86
CA GLN G 20 45.76 -9.61 -3.84
C GLN G 20 45.91 -10.98 -4.51
N PRO G 21 45.11 -11.96 -4.10
CA PRO G 21 45.17 -13.27 -4.76
C PRO G 21 44.55 -13.21 -6.15
N VAL G 22 45.01 -14.11 -7.02
CA VAL G 22 44.50 -14.25 -8.37
C VAL G 22 44.43 -15.73 -8.71
N THR G 23 43.50 -16.10 -9.58
CA THR G 23 43.33 -17.49 -10.01
C THR G 23 43.21 -17.54 -11.53
N LEU G 24 44.08 -18.34 -12.16
CA LEU G 24 44.02 -18.61 -13.59
C LEU G 24 43.39 -19.97 -13.82
N LEU G 25 42.45 -20.04 -14.77
CA LEU G 25 41.58 -21.19 -14.93
C LEU G 25 42.13 -22.17 -15.96
N CYS G 26 41.95 -23.46 -15.69
CA CYS G 26 42.38 -24.51 -16.60
C CYS G 26 41.64 -25.78 -16.23
N ALA G 27 40.97 -26.40 -17.21
CA ALA G 27 40.13 -27.56 -16.92
C ALA G 27 40.06 -28.47 -18.13
N ILE G 28 40.22 -29.77 -17.90
CA ILE G 28 40.15 -30.78 -18.96
C ILE G 28 39.27 -31.92 -18.47
N PRO G 29 38.03 -32.02 -18.95
CA PRO G 29 37.11 -33.03 -18.42
C PRO G 29 37.54 -34.44 -18.77
N GLU G 30 37.33 -35.36 -17.84
CA GLU G 30 37.53 -36.80 -18.03
C GLU G 30 39.00 -37.15 -18.28
N TYR G 31 39.91 -36.31 -17.79
CA TYR G 31 41.34 -36.50 -17.98
C TYR G 31 42.01 -36.64 -16.61
N ASP G 32 42.67 -37.77 -16.38
CA ASP G 32 43.32 -38.06 -15.11
C ASP G 32 44.85 -38.08 -15.22
N GLY G 33 45.40 -37.56 -16.32
CA GLY G 33 46.83 -37.51 -16.49
C GLY G 33 47.44 -36.23 -15.95
N PHE G 34 48.75 -36.10 -16.15
CA PHE G 34 49.49 -34.95 -15.65
C PHE G 34 49.02 -33.67 -16.30
N VAL G 35 48.98 -32.59 -15.52
CA VAL G 35 48.77 -31.24 -16.01
C VAL G 35 49.81 -30.34 -15.35
N LEU G 36 50.54 -29.58 -16.17
CA LEU G 36 51.61 -28.71 -15.69
C LEU G 36 51.26 -27.25 -16.03
N TRP G 37 51.71 -26.35 -15.17
CA TRP G 37 51.62 -24.91 -15.41
C TRP G 37 52.99 -24.37 -15.81
N ILE G 38 53.03 -23.54 -16.84
CA ILE G 38 54.28 -23.02 -17.39
C ILE G 38 54.29 -21.49 -17.21
N LYS G 39 55.35 -20.99 -16.56
CA LYS G 39 55.53 -19.55 -16.35
C LYS G 39 56.79 -19.12 -17.09
N ASP G 40 56.62 -18.31 -18.13
CA ASP G 40 57.75 -17.83 -18.93
C ASP G 40 58.57 -18.99 -19.48
N GLY G 41 57.87 -20.05 -19.90
CA GLY G 41 58.56 -21.20 -20.46
C GLY G 41 59.13 -22.16 -19.45
N LEU G 42 58.98 -21.88 -18.15
CA LEU G 42 59.48 -22.74 -17.09
C LEU G 42 58.31 -23.42 -16.39
N ALA G 43 58.44 -24.73 -16.18
CA ALA G 43 57.42 -25.48 -15.44
C ALA G 43 57.60 -25.26 -13.95
N LEU G 44 56.49 -25.03 -13.26
CA LEU G 44 56.50 -24.71 -11.84
C LEU G 44 56.49 -25.94 -10.95
N GLY G 45 55.95 -27.06 -11.42
CA GLY G 45 55.94 -28.25 -10.60
C GLY G 45 55.19 -29.38 -11.29
N VAL G 46 54.95 -30.44 -10.53
CA VAL G 46 54.14 -31.57 -10.95
C VAL G 46 52.96 -31.79 -10.01
N GLY G 47 53.21 -31.76 -8.70
CA GLY G 47 52.14 -31.95 -7.74
C GLY G 47 51.37 -30.67 -7.47
N ARG G 48 50.09 -30.81 -7.11
CA ARG G 48 49.21 -29.67 -6.95
C ARG G 48 49.62 -28.74 -5.81
N ASP G 49 50.56 -29.15 -4.96
CA ASP G 49 51.07 -28.25 -3.93
C ASP G 49 52.07 -27.25 -4.47
N LEU G 50 52.71 -27.55 -5.60
CA LEU G 50 53.79 -26.71 -6.13
C LEU G 50 54.73 -26.31 -5.00
N SER G 51 55.34 -27.34 -4.40
CA SER G 51 56.11 -27.15 -3.18
C SER G 51 57.34 -26.27 -3.38
N SER G 52 57.82 -26.12 -4.61
CA SER G 52 58.94 -25.23 -4.85
C SER G 52 58.55 -23.76 -4.86
N TYR G 53 57.24 -23.47 -4.80
CA TYR G 53 56.74 -22.10 -4.78
C TYR G 53 55.68 -21.98 -3.69
N PRO G 54 56.02 -21.38 -2.54
CA PRO G 54 55.01 -21.22 -1.48
C PRO G 54 53.88 -20.29 -1.86
N GLN G 55 54.13 -19.34 -2.75
CA GLN G 55 53.12 -18.36 -3.15
C GLN G 55 52.13 -18.92 -4.16
N TYR G 56 52.33 -20.15 -4.64
CA TYR G 56 51.47 -20.75 -5.65
C TYR G 56 50.83 -22.03 -5.13
N LEU G 57 49.67 -22.34 -5.68
CA LEU G 57 48.95 -23.58 -5.39
C LEU G 57 48.13 -23.96 -6.62
N VAL G 58 47.81 -25.25 -6.72
CA VAL G 58 46.85 -25.72 -7.71
C VAL G 58 45.56 -26.05 -6.98
N VAL G 59 44.45 -25.49 -7.47
CA VAL G 59 43.18 -25.59 -6.81
C VAL G 59 42.15 -26.08 -7.82
N GLY G 60 40.92 -26.26 -7.36
CA GLY G 60 39.85 -26.82 -8.15
C GLY G 60 39.54 -28.25 -7.75
N ASN G 61 38.40 -28.72 -8.24
CA ASN G 61 37.97 -30.09 -7.99
C ASN G 61 38.74 -31.01 -8.94
N HIS G 62 39.71 -31.76 -8.39
CA HIS G 62 40.53 -32.67 -9.16
C HIS G 62 39.71 -33.62 -10.02
N LEU G 63 38.57 -34.09 -9.48
CA LEU G 63 37.73 -35.05 -10.16
C LEU G 63 36.79 -34.41 -11.18
N SER G 64 36.68 -33.09 -11.20
CA SER G 64 36.02 -32.38 -12.28
C SER G 64 36.98 -31.92 -13.37
N GLY G 65 38.22 -32.38 -13.33
CA GLY G 65 39.18 -32.01 -14.35
C GLY G 65 39.84 -30.68 -14.14
N GLU G 66 39.72 -30.11 -12.93
CA GLU G 66 40.14 -28.75 -12.67
C GLU G 66 41.55 -28.69 -12.13
N HIS G 67 42.40 -27.86 -12.75
CA HIS G 67 43.79 -27.67 -12.35
C HIS G 67 44.10 -26.18 -12.36
N HIS G 68 43.33 -25.39 -11.61
CA HIS G 68 43.51 -23.94 -11.62
C HIS G 68 44.73 -23.52 -10.82
N LEU G 69 45.47 -22.56 -11.35
CA LEU G 69 46.60 -21.96 -10.65
C LEU G 69 46.11 -20.80 -9.79
N LYS G 70 46.26 -20.92 -8.47
CA LYS G 70 46.00 -19.84 -7.54
C LYS G 70 47.33 -19.25 -7.06
N ILE G 71 47.55 -17.97 -7.36
CA ILE G 71 48.63 -17.21 -6.73
C ILE G 71 48.04 -16.59 -5.47
N LEU G 72 48.65 -16.88 -4.31
CA LEU G 72 48.07 -16.46 -3.04
C LEU G 72 48.21 -14.96 -2.83
N ARG G 73 49.37 -14.40 -3.18
CA ARG G 73 49.62 -12.97 -3.03
C ARG G 73 50.49 -12.55 -4.20
N ALA G 74 49.88 -11.93 -5.20
CA ALA G 74 50.60 -11.51 -6.39
C ALA G 74 51.59 -10.40 -6.04
N GLU G 75 52.83 -10.56 -6.49
CA GLU G 75 53.85 -9.53 -6.44
C GLU G 75 54.35 -9.28 -7.86
N LEU G 76 55.24 -8.29 -8.00
CA LEU G 76 55.70 -7.89 -9.32
C LEU G 76 56.42 -9.03 -10.04
N GLN G 77 57.01 -9.96 -9.30
CA GLN G 77 57.67 -11.12 -9.92
C GLN G 77 56.68 -12.03 -10.64
N ASP G 78 55.38 -11.96 -10.30
CA ASP G 78 54.38 -12.82 -10.89
C ASP G 78 53.85 -12.29 -12.22
N ASP G 79 54.18 -11.04 -12.58
CA ASP G 79 53.83 -10.48 -13.88
C ASP G 79 54.56 -11.27 -14.97
N ALA G 80 53.85 -12.14 -15.66
CA ALA G 80 54.49 -13.04 -16.61
C ALA G 80 53.41 -13.61 -17.54
N VAL G 81 53.82 -14.56 -18.37
CA VAL G 81 52.93 -15.27 -19.27
C VAL G 81 52.79 -16.70 -18.75
N TYR G 82 51.56 -17.13 -18.53
CA TYR G 82 51.27 -18.45 -18.00
C TYR G 82 50.59 -19.31 -19.06
N GLU G 83 50.65 -20.62 -18.83
CA GLU G 83 50.09 -21.60 -19.74
C GLU G 83 49.92 -22.90 -18.98
N CYS G 84 48.94 -23.68 -19.42
N CYS G 84 48.86 -23.64 -19.31
CA CYS G 84 48.55 -24.94 -18.81
CA CYS G 84 48.69 -24.97 -18.76
C CYS G 84 48.56 -26.03 -19.88
C CYS G 84 48.69 -25.97 -19.89
N GLN G 85 49.24 -27.15 -19.62
CA GLN G 85 49.33 -28.20 -20.62
C GLN G 85 49.23 -29.57 -19.96
N ALA G 86 48.71 -30.53 -20.73
CA ALA G 86 48.49 -31.90 -20.27
C ALA G 86 49.46 -32.82 -20.99
N ILE G 87 50.19 -33.63 -20.22
CA ILE G 87 51.24 -34.47 -20.80
C ILE G 87 50.64 -35.59 -21.65
N GLN G 88 49.92 -36.51 -21.01
CA GLN G 88 49.38 -37.66 -21.74
C GLN G 88 48.39 -37.24 -22.82
N ALA G 89 47.63 -36.16 -22.60
CA ALA G 89 46.78 -35.64 -23.66
C ALA G 89 47.55 -34.87 -24.71
N ALA G 90 48.75 -34.38 -24.38
CA ALA G 90 49.61 -33.62 -25.29
C ALA G 90 48.89 -32.42 -25.88
N ILE G 91 48.36 -31.58 -25.00
CA ILE G 91 47.65 -30.37 -25.40
C ILE G 91 48.12 -29.20 -24.53
N ARG G 92 48.33 -28.04 -25.16
CA ARG G 92 48.75 -26.83 -24.48
C ARG G 92 47.63 -25.80 -24.54
N SER G 93 47.46 -25.05 -23.46
CA SER G 93 46.44 -24.01 -23.47
C SER G 93 46.96 -22.76 -24.16
N ARG G 94 46.04 -21.83 -24.42
CA ARG G 94 46.43 -20.51 -24.85
C ARG G 94 47.32 -19.88 -23.76
N PRO G 95 48.22 -18.98 -24.15
CA PRO G 95 48.99 -18.25 -23.14
C PRO G 95 48.16 -17.14 -22.51
N ALA G 96 48.32 -16.97 -21.20
CA ALA G 96 47.64 -15.93 -20.46
C ALA G 96 48.70 -15.03 -19.82
N ARG G 97 48.58 -13.73 -20.06
CA ARG G 97 49.48 -12.75 -19.47
C ARG G 97 48.83 -12.17 -18.22
N LEU G 98 49.50 -12.34 -17.09
CA LEU G 98 49.07 -11.75 -15.83
C LEU G 98 49.82 -10.44 -15.65
N THR G 99 49.10 -9.33 -15.67
CA THR G 99 49.69 -8.01 -15.46
C THR G 99 49.47 -7.60 -14.01
N VAL G 100 50.55 -7.23 -13.33
CA VAL G 100 50.52 -6.88 -11.91
C VAL G 100 50.94 -5.42 -11.78
N LEU G 101 50.09 -4.61 -11.13
CA LEU G 101 50.29 -3.18 -11.03
C LEU G 101 50.65 -2.79 -9.60
N VAL G 102 51.47 -1.75 -9.47
CA VAL G 102 52.02 -1.33 -8.18
C VAL G 102 51.60 0.11 -7.89
N PRO G 103 51.16 0.44 -6.67
CA PRO G 103 50.86 1.83 -6.29
C PRO G 103 52.07 2.76 -6.40
N TYR H 5 72.00 -24.71 -8.56
CA TYR H 5 72.42 -25.82 -9.42
C TYR H 5 72.83 -25.32 -10.80
N SER H 6 73.46 -26.19 -11.57
CA SER H 6 73.91 -25.85 -12.91
C SER H 6 74.00 -27.12 -13.74
N PHE H 7 73.86 -26.95 -15.06
CA PHE H 7 73.97 -28.07 -15.99
C PHE H 7 75.43 -28.43 -16.21
N SER H 8 75.79 -29.69 -15.90
CA SER H 8 77.10 -30.17 -16.29
C SER H 8 77.19 -30.41 -17.80
N GLN H 9 76.06 -30.61 -18.46
CA GLN H 9 76.02 -30.82 -19.90
C GLN H 9 74.61 -30.54 -20.41
N GLN H 10 74.52 -29.99 -21.63
CA GLN H 10 73.26 -29.56 -22.20
C GLN H 10 73.12 -30.07 -23.63
N PRO H 11 71.89 -30.29 -24.10
CA PRO H 11 71.71 -30.88 -25.43
C PRO H 11 72.29 -29.97 -26.51
N GLN H 12 72.55 -30.57 -27.65
CA GLN H 12 73.16 -29.87 -28.77
C GLN H 12 72.39 -30.15 -30.04
N ASP H 13 72.46 -29.21 -30.97
CA ASP H 13 71.87 -29.42 -32.28
C ASP H 13 72.51 -30.63 -32.94
N GLN H 14 71.71 -31.33 -33.73
CA GLN H 14 72.26 -32.41 -34.54
C GLN H 14 71.32 -32.71 -35.70
N VAL H 15 71.92 -33.18 -36.79
CA VAL H 15 71.20 -33.66 -37.97
C VAL H 15 71.35 -35.17 -38.01
N VAL H 16 70.22 -35.88 -38.04
CA VAL H 16 70.20 -37.33 -38.02
C VAL H 16 69.39 -37.82 -39.22
N VAL H 17 69.36 -39.15 -39.38
CA VAL H 17 68.65 -39.79 -40.48
C VAL H 17 67.44 -40.53 -39.93
N SER H 18 66.33 -40.46 -40.65
CA SER H 18 65.12 -41.18 -40.25
C SER H 18 65.43 -42.65 -40.10
N GLY H 19 65.08 -43.20 -38.94
CA GLY H 19 65.34 -44.57 -38.60
C GLY H 19 66.46 -44.78 -37.60
N GLN H 20 67.34 -43.78 -37.43
CA GLN H 20 68.47 -43.99 -36.53
C GLN H 20 68.15 -43.50 -35.12
N PRO H 21 68.75 -44.09 -34.10
CA PRO H 21 68.59 -43.58 -32.75
C PRO H 21 69.38 -42.30 -32.55
N VAL H 22 68.90 -41.45 -31.65
CA VAL H 22 69.54 -40.21 -31.27
C VAL H 22 69.53 -40.11 -29.75
N THR H 23 70.55 -39.47 -29.21
CA THR H 23 70.61 -39.20 -27.77
C THR H 23 70.93 -37.72 -27.58
N LEU H 24 70.08 -37.03 -26.83
CA LEU H 24 70.30 -35.63 -26.45
C LEU H 24 70.64 -35.58 -24.97
N LEU H 25 71.74 -34.91 -24.64
CA LEU H 25 72.37 -35.03 -23.33
C LEU H 25 71.92 -33.93 -22.39
N CYS H 26 71.58 -34.30 -21.16
CA CYS H 26 71.20 -33.36 -20.11
C CYS H 26 71.65 -33.94 -18.78
N ALA H 27 72.42 -33.16 -18.01
CA ALA H 27 72.91 -33.65 -16.73
C ALA H 27 73.06 -32.50 -15.75
N ILE H 28 72.68 -32.74 -14.50
CA ILE H 28 72.83 -31.77 -13.42
C ILE H 28 73.35 -32.48 -12.19
N PRO H 29 74.60 -32.28 -11.80
CA PRO H 29 75.17 -33.05 -10.69
C PRO H 29 74.49 -32.71 -9.37
N GLU H 30 74.36 -33.74 -8.53
CA GLU H 30 73.92 -33.56 -7.15
C GLU H 30 72.53 -32.96 -7.06
N TYR H 31 71.69 -33.21 -8.06
CA TYR H 31 70.32 -32.69 -8.12
C TYR H 31 69.35 -33.87 -8.15
N ASP H 32 68.49 -33.96 -7.13
CA ASP H 32 67.55 -35.05 -6.98
C ASP H 32 66.10 -34.62 -7.15
N GLY H 33 65.86 -33.56 -7.92
CA GLY H 33 64.52 -33.07 -8.19
C GLY H 33 64.03 -33.44 -9.58
N PHE H 34 62.88 -32.86 -9.93
CA PHE H 34 62.25 -33.17 -11.21
C PHE H 34 63.06 -32.63 -12.38
N VAL H 35 63.10 -33.40 -13.46
CA VAL H 35 63.67 -32.98 -14.74
C VAL H 35 62.68 -33.35 -15.84
N LEU H 36 62.42 -32.41 -16.74
CA LEU H 36 61.45 -32.60 -17.80
C LEU H 36 62.09 -32.26 -19.14
N TRP H 37 61.68 -33.00 -20.18
CA TRP H 37 62.09 -32.74 -21.55
C TRP H 37 60.97 -32.07 -22.32
N ILE H 38 61.28 -30.97 -23.00
CA ILE H 38 60.30 -30.14 -23.69
C ILE H 38 60.51 -30.29 -25.18
N LYS H 39 59.46 -30.67 -25.90
CA LYS H 39 59.51 -30.82 -27.35
C LYS H 39 58.57 -29.78 -27.95
N ASP H 40 59.15 -28.75 -28.58
CA ASP H 40 58.36 -27.70 -29.21
C ASP H 40 57.39 -27.06 -28.24
N GLY H 41 57.85 -26.82 -27.01
CA GLY H 41 57.03 -26.20 -26.00
C GLY H 41 56.19 -27.16 -25.18
N LEU H 42 56.02 -28.40 -25.63
CA LEU H 42 55.21 -29.39 -24.95
C LEU H 42 56.08 -30.36 -24.16
N ALA H 43 55.67 -30.64 -22.92
CA ALA H 43 56.39 -31.56 -22.06
C ALA H 43 56.03 -33.00 -22.40
N LEU H 44 57.06 -33.87 -22.46
CA LEU H 44 56.88 -35.24 -22.92
C LEU H 44 56.57 -36.21 -21.80
N GLY H 45 56.83 -35.85 -20.55
CA GLY H 45 56.52 -36.73 -19.44
C GLY H 45 57.20 -36.27 -18.17
N VAL H 46 57.00 -37.07 -17.12
CA VAL H 46 57.68 -36.90 -15.85
C VAL H 46 58.49 -38.13 -15.48
N GLY H 47 57.94 -39.32 -15.69
CA GLY H 47 58.69 -40.54 -15.44
C GLY H 47 59.72 -40.76 -16.52
N ARG H 48 60.87 -41.32 -16.12
CA ARG H 48 61.96 -41.59 -17.04
C ARG H 48 61.56 -42.57 -18.13
N ASP H 49 60.44 -43.27 -17.98
CA ASP H 49 59.94 -44.12 -19.05
C ASP H 49 59.30 -43.30 -20.17
N LEU H 50 58.73 -42.14 -19.84
CA LEU H 50 57.93 -41.35 -20.77
C LEU H 50 56.89 -42.23 -21.43
N SER H 51 56.01 -42.78 -20.58
CA SER H 51 55.09 -43.83 -21.00
C SER H 51 54.21 -43.37 -22.16
N SER H 52 53.90 -42.08 -22.25
CA SER H 52 53.03 -41.61 -23.32
C SER H 52 53.68 -41.77 -24.68
N TYR H 53 55.00 -41.87 -24.73
CA TYR H 53 55.75 -41.94 -25.99
C TYR H 53 56.57 -43.21 -26.01
N PRO H 54 56.12 -44.24 -26.73
CA PRO H 54 56.91 -45.48 -26.80
C PRO H 54 58.29 -45.29 -27.43
N GLN H 55 58.45 -44.27 -28.28
CA GLN H 55 59.69 -44.07 -29.03
C GLN H 55 60.75 -43.33 -28.24
N TYR H 56 60.41 -42.79 -27.07
CA TYR H 56 61.31 -41.98 -26.26
C TYR H 56 61.57 -42.65 -24.92
N LEU H 57 62.79 -42.49 -24.42
CA LEU H 57 63.19 -42.96 -23.10
C LEU H 57 64.19 -41.98 -22.51
N VAL H 58 64.22 -41.92 -21.19
CA VAL H 58 65.23 -41.16 -20.47
C VAL H 58 66.27 -42.15 -19.98
N VAL H 59 67.53 -41.93 -20.36
CA VAL H 59 68.62 -42.86 -20.09
C VAL H 59 69.73 -42.12 -19.36
N GLY H 60 70.73 -42.87 -18.94
CA GLY H 60 71.85 -42.32 -18.20
C GLY H 60 71.87 -42.83 -16.77
N ASN H 61 72.89 -42.37 -16.04
CA ASN H 61 73.06 -42.73 -14.63
C ASN H 61 72.39 -41.66 -13.78
N HIS H 62 71.28 -42.02 -13.13
CA HIS H 62 70.57 -41.04 -12.32
C HIS H 62 71.34 -40.66 -11.07
N LEU H 63 72.29 -41.49 -10.64
CA LEU H 63 73.16 -41.11 -9.52
C LEU H 63 74.05 -39.94 -9.89
N SER H 64 74.54 -39.91 -11.13
CA SER H 64 75.35 -38.80 -11.62
C SER H 64 74.52 -37.61 -12.05
N GLY H 65 73.20 -37.64 -11.85
CA GLY H 65 72.36 -36.54 -12.27
C GLY H 65 72.11 -36.47 -13.76
N GLU H 66 72.18 -37.60 -14.45
CA GLU H 66 72.04 -37.63 -15.90
C GLU H 66 70.59 -37.87 -16.30
N HIS H 67 70.12 -37.10 -17.29
CA HIS H 67 68.75 -37.20 -17.77
C HIS H 67 68.75 -37.07 -19.29
N HIS H 68 69.46 -37.97 -19.97
CA HIS H 68 69.57 -37.95 -21.42
C HIS H 68 68.27 -38.45 -22.07
N LEU H 69 67.87 -37.79 -23.15
CA LEU H 69 66.69 -38.20 -23.92
C LEU H 69 67.15 -39.11 -25.06
N LYS H 70 66.75 -40.38 -25.01
CA LYS H 70 67.05 -41.32 -26.07
C LYS H 70 65.83 -41.49 -26.97
N ILE H 71 65.98 -41.13 -28.23
CA ILE H 71 64.98 -41.40 -29.27
C ILE H 71 65.38 -42.70 -29.94
N LEU H 72 64.58 -43.75 -29.75
CA LEU H 72 64.98 -45.08 -30.17
C LEU H 72 65.13 -45.19 -31.67
N ARG H 73 64.20 -44.58 -32.41
CA ARG H 73 64.19 -44.68 -33.87
C ARG H 73 63.62 -43.37 -34.40
N ALA H 74 64.51 -42.47 -34.82
CA ALA H 74 64.09 -41.14 -35.20
C ALA H 74 63.21 -41.18 -36.45
N GLU H 75 62.21 -40.31 -36.48
CA GLU H 75 61.32 -40.15 -37.61
C GLU H 75 61.11 -38.65 -37.85
N LEU H 76 60.37 -38.34 -38.91
CA LEU H 76 60.20 -36.94 -39.31
C LEU H 76 59.49 -36.14 -38.22
N GLN H 77 58.50 -36.74 -37.55
CA GLN H 77 57.80 -36.06 -36.47
C GLN H 77 58.72 -35.70 -35.30
N ASP H 78 59.94 -36.25 -35.26
CA ASP H 78 60.90 -35.90 -34.22
C ASP H 78 61.72 -34.67 -34.55
N ASP H 79 61.71 -34.22 -35.80
CA ASP H 79 62.32 -32.94 -36.16
C ASP H 79 61.63 -31.83 -35.37
N ALA H 80 62.33 -31.27 -34.40
CA ALA H 80 61.73 -30.32 -33.47
C ALA H 80 62.86 -29.63 -32.72
N VAL H 81 62.48 -28.76 -31.80
CA VAL H 81 63.41 -28.13 -30.86
C VAL H 81 63.12 -28.69 -29.49
N TYR H 82 64.17 -29.26 -28.87
CA TYR H 82 64.08 -29.90 -27.57
C TYR H 82 64.82 -29.07 -26.54
N GLU H 83 64.35 -29.14 -25.30
CA GLU H 83 65.08 -28.54 -24.19
C GLU H 83 64.76 -29.33 -22.94
N CYS H 84 65.58 -29.11 -21.92
N CYS H 84 65.67 -29.25 -21.97
CA CYS H 84 65.57 -29.87 -20.67
CA CYS H 84 65.43 -29.87 -20.68
C CYS H 84 65.64 -28.89 -19.50
C CYS H 84 65.46 -28.77 -19.62
N GLN H 85 64.70 -29.01 -18.56
CA GLN H 85 64.62 -28.06 -17.46
C GLN H 85 64.40 -28.79 -16.15
N ALA H 86 64.88 -28.20 -15.07
CA ALA H 86 64.76 -28.74 -13.72
C ALA H 86 63.79 -27.86 -12.94
N ILE H 87 62.73 -28.47 -12.41
CA ILE H 87 61.69 -27.72 -11.70
C ILE H 87 62.26 -27.13 -10.43
N GLN H 88 62.64 -27.98 -9.47
CA GLN H 88 63.13 -27.50 -8.18
C GLN H 88 64.34 -26.58 -8.33
N ALA H 89 65.18 -26.83 -9.33
CA ALA H 89 66.32 -25.94 -9.58
C ALA H 89 65.94 -24.71 -10.38
N ALA H 90 64.81 -24.74 -11.10
CA ALA H 90 64.31 -23.61 -11.88
C ALA H 90 65.35 -23.13 -12.90
N ILE H 91 65.85 -24.06 -13.70
CA ILE H 91 66.80 -23.75 -14.76
C ILE H 91 66.34 -24.42 -16.04
N ARG H 92 66.65 -23.79 -17.18
CA ARG H 92 66.32 -24.32 -18.49
C ARG H 92 67.58 -24.43 -19.33
N SER H 93 67.83 -25.60 -19.88
CA SER H 93 68.97 -25.75 -20.78
C SER H 93 68.72 -24.98 -22.07
N ARG H 94 69.80 -24.77 -22.80
CA ARG H 94 69.69 -24.23 -24.14
C ARG H 94 68.79 -25.15 -24.97
N PRO H 95 68.10 -24.60 -25.96
CA PRO H 95 67.38 -25.44 -26.91
C PRO H 95 68.34 -26.15 -27.85
N ALA H 96 67.89 -27.29 -28.37
CA ALA H 96 68.67 -28.10 -29.29
C ALA H 96 67.78 -28.50 -30.46
N ARG H 97 68.10 -28.01 -31.65
CA ARG H 97 67.35 -28.39 -32.84
C ARG H 97 67.79 -29.76 -33.31
N LEU H 98 66.83 -30.64 -33.54
CA LEU H 98 67.08 -31.94 -34.12
C LEU H 98 66.54 -31.93 -35.55
N THR H 99 67.44 -32.02 -36.52
CA THR H 99 67.08 -32.11 -37.93
C THR H 99 67.05 -33.58 -38.34
N VAL H 100 65.97 -33.98 -39.00
CA VAL H 100 65.77 -35.37 -39.42
C VAL H 100 65.60 -35.41 -40.93
N LEU H 101 66.46 -36.18 -41.59
CA LEU H 101 66.47 -36.30 -43.04
C LEU H 101 65.92 -37.66 -43.44
N VAL H 102 65.09 -37.69 -44.48
CA VAL H 102 64.35 -38.88 -44.89
C VAL H 102 64.82 -39.29 -46.28
N PRO H 103 65.11 -40.57 -46.53
CA PRO H 103 65.53 -41.10 -47.83
C PRO H 103 64.50 -40.86 -48.94
#